data_5YGA
#
_entry.id   5YGA
#
_cell.length_a   98.800
_cell.length_b   98.800
_cell.length_c   256.431
_cell.angle_alpha   90.000
_cell.angle_beta   90.000
_cell.angle_gamma   120.000
#
_symmetry.space_group_name_H-M   'P 31 1 2'
#
loop_
_entity.id
_entity.type
_entity.pdbx_description
1 polymer 'Ribose 1,5-bisphosphate isomerase'
2 non-polymer 1,5-di-O-phosphono-alpha-D-ribofuranose
3 non-polymer (4S)-2-METHYL-2,4-PENTANEDIOL
4 non-polymer 'ADENOSINE MONOPHOSPHATE'
5 non-polymer 'POTASSIUM ION'
6 non-polymer "GUANOSINE-5'-MONOPHOSPHATE"
7 water water
#
_entity_poly.entity_id   1
_entity_poly.type   'polypeptide(L)'
_entity_poly.pdbx_seq_one_letter_code
;MGAMIVKEVYETAEKIKSMEIRGAGRIARAAAQALMIQAEKSKAKEPEELWNELKVASKILYNTRPTAVSLPNALRYVMH
RVKAAYLGGADLETLRFTAINSAKEFIYNSEKAIERIGEIGAKRIEDGDIIMTHCHSKAAISVMKKAFEQGKNIKVIVTE
TRPKWQGKITAKELASYGIPVIYIVDSAARHYMKMTDKVVMGANSITANGAVINKIGTSLIALTAKEHRVWVMIAAETYK
FHPATMLGQLVEIEMRDPTEVIPEEELRTWPKNIEVWNPAFDVTPPEYIDVIITERGIIPPYAAIDILKEEFGWALKYKE
PWED
;
_entity_poly.pdbx_strand_id   A,B,C
#
# COMPACT_ATOMS: atom_id res chain seq x y z
N ALA A 3 -41.83 16.82 -0.42
CA ALA A 3 -42.60 16.91 0.84
C ALA A 3 -43.64 15.74 0.97
N MET A 4 -44.00 15.07 -0.13
CA MET A 4 -45.02 13.98 -0.09
C MET A 4 -44.36 12.61 0.02
N ILE A 5 -43.74 12.38 1.17
CA ILE A 5 -43.00 11.15 1.40
C ILE A 5 -43.95 10.00 1.73
N VAL A 6 -43.77 8.90 1.01
CA VAL A 6 -44.60 7.72 1.19
C VAL A 6 -44.20 6.97 2.45
N LYS A 7 -45.11 6.16 2.99
CA LYS A 7 -44.92 5.60 4.31
C LYS A 7 -43.70 4.64 4.43
N GLU A 8 -43.46 3.87 3.38
CA GLU A 8 -42.33 2.93 3.30
C GLU A 8 -40.97 3.61 3.54
N VAL A 9 -40.82 4.87 3.16
CA VAL A 9 -39.62 5.60 3.48
C VAL A 9 -39.48 5.79 5.01
N TYR A 10 -40.52 6.35 5.64
CA TYR A 10 -40.54 6.55 7.09
C TYR A 10 -40.37 5.22 7.87
N GLU A 11 -41.00 4.14 7.42
CA GLU A 11 -40.96 2.85 8.12
C GLU A 11 -39.60 2.15 8.03
N THR A 12 -38.93 2.34 6.90
CA THR A 12 -37.59 1.86 6.70
C THR A 12 -36.65 2.68 7.55
N ALA A 13 -36.76 4.01 7.52
CA ALA A 13 -35.90 4.83 8.33
C ALA A 13 -35.97 4.37 9.82
N GLU A 14 -37.18 4.29 10.36
CA GLU A 14 -37.42 3.84 11.72
C GLU A 14 -36.86 2.48 11.99
N LYS A 15 -37.02 1.57 11.05
CA LYS A 15 -36.50 0.21 11.21
C LYS A 15 -34.95 0.09 11.15
N ILE A 16 -34.28 1.06 10.52
CA ILE A 16 -32.83 1.17 10.55
C ILE A 16 -32.44 1.69 11.93
N LYS A 17 -33.00 2.84 12.34
CA LYS A 17 -32.83 3.40 13.69
C LYS A 17 -32.97 2.39 14.79
N SER A 18 -33.95 1.53 14.77
CA SER A 18 -34.16 0.55 15.85
C SER A 18 -33.37 -0.76 15.66
N MET A 19 -32.60 -0.87 14.59
CA MET A 19 -31.91 -2.10 14.18
C MET A 19 -32.78 -3.33 13.97
N GLU A 20 -34.07 -3.14 13.72
CA GLU A 20 -34.90 -4.24 13.21
C GLU A 20 -34.42 -4.69 11.80
N ILE A 21 -33.95 -3.71 11.02
CA ILE A 21 -33.15 -3.97 9.83
C ILE A 21 -31.75 -3.53 10.23
N ARG A 22 -30.80 -4.46 10.09
CA ARG A 22 -29.40 -4.20 10.45
C ARG A 22 -28.42 -4.97 9.59
N GLY A 23 -27.12 -4.72 9.79
CA GLY A 23 -26.07 -5.29 8.94
C GLY A 23 -25.83 -4.23 7.90
N ALA A 24 -24.58 -3.84 7.66
CA ALA A 24 -24.28 -2.68 6.78
C ALA A 24 -24.77 -2.83 5.32
N GLY A 25 -24.68 -4.02 4.76
CA GLY A 25 -25.17 -4.28 3.44
C GLY A 25 -26.68 -4.13 3.41
N ARG A 26 -27.33 -4.72 4.39
CA ARG A 26 -28.76 -4.77 4.37
C ARG A 26 -29.38 -3.37 4.47
N ILE A 27 -28.86 -2.52 5.33
CA ILE A 27 -29.43 -1.22 5.46
C ILE A 27 -29.20 -0.38 4.21
N ALA A 28 -28.16 -0.70 3.47
CA ALA A 28 -27.85 -0.03 2.20
C ALA A 28 -28.84 -0.46 1.12
N ARG A 29 -29.15 -1.75 1.06
CA ARG A 29 -30.15 -2.25 0.14
C ARG A 29 -31.53 -1.72 0.49
N ALA A 30 -31.86 -1.75 1.78
CA ALA A 30 -33.16 -1.26 2.27
C ALA A 30 -33.39 0.20 1.96
N ALA A 31 -32.34 1.00 2.02
CA ALA A 31 -32.41 2.40 1.72
C ALA A 31 -32.61 2.66 0.21
N ALA A 32 -31.92 1.88 -0.62
CA ALA A 32 -32.10 1.97 -2.05
C ALA A 32 -33.55 1.59 -2.40
N GLN A 33 -34.04 0.55 -1.75
CA GLN A 33 -35.39 0.07 -1.91
C GLN A 33 -36.41 1.14 -1.50
N ALA A 34 -36.13 1.86 -0.43
CA ALA A 34 -37.02 2.91 0.00
C ALA A 34 -37.14 4.03 -1.03
N LEU A 35 -36.01 4.49 -1.59
CA LEU A 35 -36.06 5.48 -2.63
C LEU A 35 -36.78 4.89 -3.89
N MET A 36 -36.59 3.59 -4.16
CA MET A 36 -37.27 2.90 -5.26
C MET A 36 -38.79 3.00 -5.12
N ILE A 37 -39.31 2.72 -3.93
CA ILE A 37 -40.76 2.78 -3.66
C ILE A 37 -41.29 4.22 -3.69
N GLN A 38 -40.57 5.15 -3.10
CA GLN A 38 -40.92 6.54 -3.24
C GLN A 38 -41.20 6.90 -4.72
N ALA A 39 -40.37 6.41 -5.66
CA ALA A 39 -40.50 6.72 -7.06
C ALA A 39 -41.60 5.85 -7.69
N GLU A 40 -41.78 4.60 -7.25
CA GLU A 40 -42.92 3.82 -7.69
C GLU A 40 -44.19 4.61 -7.38
N LYS A 41 -44.47 4.82 -6.10
CA LYS A 41 -45.77 5.35 -5.61
C LYS A 41 -45.92 6.88 -5.64
N SER A 42 -44.93 7.60 -6.12
CA SER A 42 -45.01 9.05 -6.15
C SER A 42 -46.17 9.47 -7.06
N LYS A 43 -46.91 10.48 -6.59
CA LYS A 43 -47.98 11.09 -7.28
C LYS A 43 -47.54 12.43 -7.87
N ALA A 44 -46.24 12.73 -7.85
CA ALA A 44 -45.74 13.94 -8.49
C ALA A 44 -46.11 14.02 -10.02
N LYS A 45 -46.24 15.25 -10.53
CA LYS A 45 -46.58 15.53 -11.94
C LYS A 45 -45.38 16.02 -12.69
N GLU A 46 -44.64 16.96 -12.12
CA GLU A 46 -43.41 17.52 -12.71
C GLU A 46 -42.17 16.67 -12.31
N PRO A 47 -41.09 16.70 -13.12
CA PRO A 47 -39.80 16.21 -12.61
C PRO A 47 -39.30 16.92 -11.33
N GLU A 48 -39.25 18.26 -11.35
CA GLU A 48 -38.91 19.13 -10.20
C GLU A 48 -39.57 18.73 -8.90
N GLU A 49 -40.79 18.24 -9.00
CA GLU A 49 -41.55 17.78 -7.86
C GLU A 49 -40.97 16.45 -7.37
N LEU A 50 -40.73 15.50 -8.27
CA LEU A 50 -40.22 14.15 -7.91
C LEU A 50 -38.77 14.21 -7.44
N TRP A 51 -37.99 15.04 -8.13
CA TRP A 51 -36.64 15.35 -7.72
C TRP A 51 -36.60 15.76 -6.26
N ASN A 52 -37.59 16.56 -5.88
CA ASN A 52 -37.64 17.13 -4.56
C ASN A 52 -38.09 16.13 -3.50
N GLU A 53 -39.00 15.22 -3.88
CA GLU A 53 -39.40 14.10 -3.05
C GLU A 53 -38.17 13.15 -2.78
N LEU A 54 -37.32 12.98 -3.79
CA LEU A 54 -36.26 12.02 -3.72
C LEU A 54 -35.10 12.57 -2.90
N LYS A 55 -34.85 13.87 -2.98
CA LYS A 55 -33.94 14.54 -2.09
C LYS A 55 -34.36 14.37 -0.63
N VAL A 56 -35.64 14.60 -0.32
CA VAL A 56 -36.11 14.60 1.05
C VAL A 56 -36.14 13.18 1.63
N ALA A 57 -36.54 12.20 0.84
CA ALA A 57 -36.49 10.78 1.20
C ALA A 57 -35.05 10.35 1.55
N SER A 58 -34.13 10.87 0.76
CA SER A 58 -32.77 10.56 0.87
C SER A 58 -32.21 11.15 2.17
N LYS A 59 -32.65 12.35 2.52
CA LYS A 59 -32.19 12.98 3.74
C LYS A 59 -32.75 12.22 4.93
N ILE A 60 -33.97 11.74 4.82
CA ILE A 60 -34.55 11.02 5.93
C ILE A 60 -33.78 9.73 6.19
N LEU A 61 -33.38 9.05 5.11
CA LEU A 61 -32.69 7.78 5.19
C LEU A 61 -31.23 7.91 5.65
N TYR A 62 -30.54 8.92 5.18
CA TYR A 62 -29.20 9.24 5.64
C TYR A 62 -29.10 9.49 7.15
N ASN A 63 -30.14 10.12 7.70
CA ASN A 63 -30.14 10.60 9.07
C ASN A 63 -30.68 9.51 10.01
N THR A 64 -30.45 8.22 9.71
CA THR A 64 -30.85 7.13 10.55
C THR A 64 -29.66 6.70 11.47
N ARG A 65 -28.65 6.05 10.87
CA ARG A 65 -27.44 5.61 11.56
C ARG A 65 -26.20 6.07 10.83
N PRO A 66 -25.23 6.65 11.58
CA PRO A 66 -24.14 7.38 10.97
C PRO A 66 -22.90 6.63 10.52
N THR A 67 -22.63 5.46 11.04
CA THR A 67 -21.28 4.89 10.99
C THR A 67 -21.04 4.10 9.71
N ALA A 68 -21.97 3.22 9.32
CA ALA A 68 -21.80 2.47 8.07
C ALA A 68 -22.02 3.37 6.84
N VAL A 69 -20.93 3.71 6.18
CA VAL A 69 -20.96 4.41 4.91
C VAL A 69 -21.66 3.57 3.80
N SER A 70 -21.94 2.28 4.00
CA SER A 70 -22.72 1.56 3.02
C SER A 70 -24.03 2.30 2.67
N LEU A 71 -24.61 2.96 3.65
CA LEU A 71 -25.91 3.57 3.53
C LEU A 71 -25.84 4.85 2.69
N PRO A 72 -25.03 5.81 3.06
CA PRO A 72 -24.84 6.92 2.13
C PRO A 72 -24.38 6.55 0.73
N ASN A 73 -23.72 5.40 0.55
CA ASN A 73 -23.12 5.07 -0.75
C ASN A 73 -24.22 4.52 -1.63
N ALA A 74 -25.18 3.86 -1.02
CA ALA A 74 -26.39 3.39 -1.68
C ALA A 74 -27.19 4.57 -2.22
N LEU A 75 -27.42 5.50 -1.33
CA LEU A 75 -28.16 6.68 -1.61
C LEU A 75 -27.51 7.44 -2.72
N ARG A 76 -26.20 7.59 -2.63
CA ARG A 76 -25.41 8.24 -3.66
C ARG A 76 -25.49 7.57 -5.03
N TYR A 77 -25.51 6.24 -5.04
CA TYR A 77 -25.49 5.48 -6.27
C TYR A 77 -26.77 5.76 -7.08
N VAL A 78 -27.89 5.67 -6.38
CA VAL A 78 -29.19 6.06 -6.89
C VAL A 78 -29.21 7.55 -7.30
N MET A 79 -28.95 8.45 -6.37
CA MET A 79 -29.15 9.86 -6.62
C MET A 79 -28.09 10.60 -7.47
N HIS A 80 -26.91 10.04 -7.71
CA HIS A 80 -26.01 10.62 -8.72
C HIS A 80 -26.64 10.54 -10.13
N ARG A 81 -27.26 9.41 -10.36
CA ARG A 81 -27.97 9.08 -11.57
C ARG A 81 -29.26 9.89 -11.68
N VAL A 82 -30.10 9.86 -10.65
CA VAL A 82 -31.31 10.64 -10.61
C VAL A 82 -30.91 12.10 -10.84
N LYS A 83 -29.90 12.61 -10.14
CA LYS A 83 -29.52 14.02 -10.29
C LYS A 83 -29.06 14.39 -11.72
N ALA A 84 -28.33 13.48 -12.37
CA ALA A 84 -27.82 13.75 -13.70
C ALA A 84 -28.98 13.76 -14.71
N ALA A 85 -29.89 12.79 -14.60
CA ALA A 85 -31.12 12.80 -15.35
C ALA A 85 -31.86 14.16 -15.19
N TYR A 86 -32.30 14.48 -13.97
CA TYR A 86 -33.05 15.72 -13.73
C TYR A 86 -32.33 16.92 -14.35
N LEU A 87 -31.04 17.10 -14.05
CA LEU A 87 -30.30 18.27 -14.55
C LEU A 87 -30.04 18.27 -16.06
N GLY A 88 -30.07 17.09 -16.67
CA GLY A 88 -29.96 16.94 -18.10
C GLY A 88 -31.27 17.24 -18.81
N GLY A 89 -32.38 17.36 -18.09
CA GLY A 89 -33.68 17.69 -18.65
C GLY A 89 -34.65 16.54 -18.78
N ALA A 90 -34.42 15.43 -18.08
CA ALA A 90 -35.34 14.30 -18.19
C ALA A 90 -36.73 14.67 -17.71
N ASP A 91 -37.71 14.10 -18.40
CA ASP A 91 -39.11 14.36 -18.08
C ASP A 91 -39.45 13.43 -16.92
N LEU A 92 -40.66 13.57 -16.37
CA LEU A 92 -41.14 12.75 -15.25
C LEU A 92 -40.81 11.29 -15.34
N GLU A 93 -41.23 10.63 -16.41
CA GLU A 93 -41.12 9.18 -16.44
C GLU A 93 -39.68 8.74 -16.66
N THR A 94 -38.91 9.55 -17.37
CA THR A 94 -37.49 9.32 -17.50
C THR A 94 -36.79 9.46 -16.15
N LEU A 95 -37.32 10.30 -15.28
CA LEU A 95 -36.78 10.41 -13.91
C LEU A 95 -37.22 9.26 -13.06
N ARG A 96 -38.51 8.97 -13.06
CA ARG A 96 -39.08 7.86 -12.29
C ARG A 96 -38.34 6.60 -12.56
N PHE A 97 -38.01 6.33 -13.82
CA PHE A 97 -37.41 5.07 -14.15
C PHE A 97 -35.92 5.09 -13.71
N THR A 98 -35.21 6.20 -13.96
CA THR A 98 -33.80 6.36 -13.59
C THR A 98 -33.56 6.02 -12.10
N ALA A 99 -34.43 6.57 -11.22
CA ALA A 99 -34.40 6.31 -9.78
C ALA A 99 -34.70 4.86 -9.47
N ILE A 100 -35.77 4.32 -10.03
CA ILE A 100 -36.18 2.95 -9.75
C ILE A 100 -35.12 1.95 -10.22
N ASN A 101 -34.45 2.29 -11.33
CA ASN A 101 -33.60 1.35 -11.98
C ASN A 101 -32.22 1.36 -11.39
N SER A 102 -31.66 2.55 -11.18
CA SER A 102 -30.52 2.76 -10.33
C SER A 102 -30.63 2.02 -8.98
N ALA A 103 -31.76 2.15 -8.31
CA ALA A 103 -31.94 1.43 -7.04
C ALA A 103 -31.95 -0.09 -7.23
N LYS A 104 -32.53 -0.58 -8.33
CA LYS A 104 -32.59 -2.00 -8.63
C LYS A 104 -31.16 -2.51 -8.95
N GLU A 105 -30.34 -1.64 -9.57
CA GLU A 105 -28.94 -1.96 -9.96
C GLU A 105 -28.15 -2.23 -8.67
N PHE A 106 -28.05 -1.19 -7.82
CA PHE A 106 -27.44 -1.28 -6.49
C PHE A 106 -27.85 -2.53 -5.72
N ILE A 107 -29.12 -2.87 -5.71
CA ILE A 107 -29.59 -4.01 -4.91
C ILE A 107 -29.05 -5.30 -5.46
N TYR A 108 -29.20 -5.47 -6.77
CA TYR A 108 -28.66 -6.61 -7.51
C TYR A 108 -27.11 -6.73 -7.35
N ASN A 109 -26.39 -5.62 -7.54
CA ASN A 109 -24.94 -5.57 -7.44
C ASN A 109 -24.43 -5.87 -6.03
N SER A 110 -25.17 -5.39 -5.02
CA SER A 110 -24.92 -5.77 -3.66
C SER A 110 -25.06 -7.28 -3.44
N GLU A 111 -26.19 -7.87 -3.81
CA GLU A 111 -26.35 -9.33 -3.77
C GLU A 111 -25.25 -10.14 -4.48
N LYS A 112 -24.79 -9.66 -5.64
CA LYS A 112 -23.82 -10.39 -6.43
C LYS A 112 -22.45 -10.24 -5.82
N ALA A 113 -22.14 -9.03 -5.35
CA ALA A 113 -20.91 -8.73 -4.62
C ALA A 113 -20.66 -9.66 -3.44
N ILE A 114 -21.71 -9.95 -2.68
CA ILE A 114 -21.64 -10.81 -1.52
C ILE A 114 -21.40 -12.25 -1.94
N GLU A 115 -22.15 -12.78 -2.90
CA GLU A 115 -21.85 -14.13 -3.44
C GLU A 115 -20.36 -14.27 -3.88
N ARG A 116 -19.87 -13.24 -4.53
CA ARG A 116 -18.55 -13.16 -5.09
C ARG A 116 -17.44 -13.10 -4.01
N ILE A 117 -17.62 -12.23 -3.03
CA ILE A 117 -16.82 -12.22 -1.83
C ILE A 117 -16.76 -13.61 -1.20
N GLY A 118 -17.85 -14.33 -1.23
CA GLY A 118 -17.91 -15.67 -0.68
C GLY A 118 -16.93 -16.64 -1.30
N GLU A 119 -16.81 -16.54 -2.61
CA GLU A 119 -16.00 -17.48 -3.41
C GLU A 119 -14.55 -17.17 -3.38
N ILE A 120 -14.27 -15.90 -3.38
CA ILE A 120 -12.92 -15.42 -3.27
C ILE A 120 -12.32 -15.78 -1.88
N GLY A 121 -13.08 -15.44 -0.84
CA GLY A 121 -12.67 -15.65 0.52
C GLY A 121 -12.54 -17.11 0.87
N ALA A 122 -13.38 -17.92 0.31
CA ALA A 122 -13.35 -19.32 0.61
C ALA A 122 -12.06 -19.99 0.17
N LYS A 123 -11.36 -19.45 -0.83
CA LYS A 123 -10.10 -20.10 -1.28
C LYS A 123 -9.00 -20.00 -0.24
N ARG A 124 -9.13 -18.95 0.57
CA ARG A 124 -8.30 -18.71 1.74
C ARG A 124 -8.62 -19.59 2.98
N ILE A 125 -9.70 -20.35 2.94
CA ILE A 125 -10.10 -21.27 3.99
C ILE A 125 -9.64 -22.64 3.54
N GLU A 126 -9.08 -23.41 4.49
CA GLU A 126 -8.51 -24.75 4.23
C GLU A 126 -9.28 -25.79 5.00
N ASP A 127 -9.26 -26.98 4.48
CA ASP A 127 -9.88 -28.11 5.13
C ASP A 127 -9.36 -28.22 6.58
N GLY A 128 -10.27 -28.49 7.51
CA GLY A 128 -9.91 -28.57 8.94
C GLY A 128 -9.93 -27.25 9.74
N ASP A 129 -10.02 -26.13 9.06
CA ASP A 129 -9.86 -24.85 9.70
C ASP A 129 -10.92 -24.62 10.77
N ILE A 130 -10.49 -23.93 11.82
CA ILE A 130 -11.39 -23.42 12.84
C ILE A 130 -11.39 -21.95 12.64
N ILE A 131 -12.54 -21.38 12.33
CA ILE A 131 -12.59 -19.96 12.00
C ILE A 131 -13.27 -19.28 13.14
N MET A 132 -12.71 -18.19 13.63
CA MET A 132 -13.41 -17.36 14.59
C MET A 132 -13.97 -16.19 13.84
N THR A 133 -15.23 -15.87 14.13
CA THR A 133 -15.89 -14.69 13.62
C THR A 133 -16.49 -13.84 14.75
N HIS A 134 -16.98 -12.65 14.42
CA HIS A 134 -17.59 -11.73 15.37
C HIS A 134 -18.87 -11.16 14.76
N CYS A 135 -19.86 -10.86 15.60
CA CYS A 135 -21.13 -10.24 15.17
C CYS A 135 -21.80 -11.08 14.09
N HIS A 136 -22.59 -10.46 13.23
CA HIS A 136 -23.29 -11.18 12.15
C HIS A 136 -23.11 -10.39 10.87
N SER A 137 -22.27 -10.93 10.01
CA SER A 137 -21.85 -10.26 8.78
C SER A 137 -22.18 -11.24 7.69
N LYS A 138 -22.99 -10.75 6.75
CA LYS A 138 -23.37 -11.52 5.60
C LYS A 138 -22.15 -11.80 4.73
N ALA A 139 -21.29 -10.82 4.59
CA ALA A 139 -20.09 -10.97 3.78
C ALA A 139 -19.26 -12.12 4.38
N ALA A 140 -18.99 -12.06 5.70
CA ALA A 140 -18.20 -13.11 6.40
C ALA A 140 -18.84 -14.46 6.36
N ILE A 141 -20.16 -14.48 6.52
CA ILE A 141 -20.91 -15.73 6.43
C ILE A 141 -20.88 -16.30 5.00
N SER A 142 -20.87 -15.42 3.98
CA SER A 142 -20.77 -15.92 2.61
C SER A 142 -19.48 -16.75 2.42
N VAL A 143 -18.37 -16.23 2.94
CA VAL A 143 -17.07 -16.92 2.92
C VAL A 143 -17.09 -18.27 3.61
N MET A 144 -17.63 -18.30 4.82
CA MET A 144 -17.70 -19.54 5.59
C MET A 144 -18.66 -20.58 4.99
N LYS A 145 -19.80 -20.09 4.54
CA LYS A 145 -20.78 -20.96 3.89
C LYS A 145 -20.18 -21.60 2.63
N LYS A 146 -19.56 -20.78 1.80
CA LYS A 146 -18.95 -21.27 0.58
C LYS A 146 -17.87 -22.29 0.87
N ALA A 147 -17.00 -21.98 1.84
CA ALA A 147 -15.97 -22.93 2.21
C ALA A 147 -16.56 -24.27 2.63
N PHE A 148 -17.66 -24.24 3.38
CA PHE A 148 -18.30 -25.49 3.78
C PHE A 148 -18.91 -26.25 2.57
N GLU A 149 -19.57 -25.56 1.65
CA GLU A 149 -20.15 -26.18 0.43
C GLU A 149 -19.11 -26.80 -0.46
N GLN A 150 -17.91 -26.23 -0.47
CA GLN A 150 -16.75 -26.88 -1.14
C GLN A 150 -16.25 -28.15 -0.44
N GLY A 151 -16.87 -28.58 0.66
CA GLY A 151 -16.44 -29.82 1.38
C GLY A 151 -15.29 -29.64 2.37
N LYS A 152 -14.83 -28.41 2.60
CA LYS A 152 -13.83 -28.20 3.64
C LYS A 152 -14.54 -28.42 4.96
N ASN A 153 -13.99 -29.31 5.78
CA ASN A 153 -14.58 -29.61 7.09
C ASN A 153 -14.12 -28.58 8.08
N ILE A 154 -14.97 -27.59 8.36
CA ILE A 154 -14.63 -26.45 9.20
C ILE A 154 -15.49 -26.39 10.47
N LYS A 155 -15.06 -25.61 11.45
CA LYS A 155 -15.86 -25.31 12.66
C LYS A 155 -15.71 -23.83 12.86
N VAL A 156 -16.80 -23.15 13.24
CA VAL A 156 -16.75 -21.70 13.50
C VAL A 156 -16.98 -21.35 14.98
N ILE A 157 -16.07 -20.55 15.48
CA ILE A 157 -16.19 -20.01 16.83
C ILE A 157 -16.93 -18.70 16.67
N VAL A 158 -18.12 -18.64 17.23
CA VAL A 158 -18.99 -17.48 17.10
C VAL A 158 -19.00 -16.78 18.42
N THR A 159 -18.67 -15.50 18.39
CA THR A 159 -18.71 -14.67 19.57
C THR A 159 -20.07 -14.00 19.76
N GLU A 160 -20.54 -14.02 21.01
CA GLU A 160 -21.91 -13.61 21.26
C GLU A 160 -22.21 -12.17 20.86
N THR A 161 -21.24 -11.30 20.93
CA THR A 161 -21.35 -9.94 20.40
C THR A 161 -22.39 -9.11 21.16
N ARG A 162 -21.97 -8.74 22.34
CA ARG A 162 -22.72 -7.89 23.20
C ARG A 162 -22.60 -6.54 22.59
N PRO A 163 -23.52 -5.63 22.89
CA PRO A 163 -24.69 -5.84 23.74
C PRO A 163 -25.88 -6.51 23.12
N LYS A 164 -25.94 -6.57 21.79
CA LYS A 164 -27.16 -6.83 21.08
C LYS A 164 -27.23 -8.22 20.61
N TRP A 165 -26.28 -9.08 20.97
CA TRP A 165 -26.40 -10.52 20.73
C TRP A 165 -26.44 -11.01 19.25
N GLN A 166 -25.77 -10.30 18.34
CA GLN A 166 -25.83 -10.67 16.93
C GLN A 166 -25.24 -12.05 16.70
N GLY A 167 -24.30 -12.40 17.58
CA GLY A 167 -23.76 -13.73 17.68
C GLY A 167 -24.74 -14.85 17.66
N LYS A 168 -25.92 -14.64 18.26
CA LYS A 168 -26.99 -15.66 18.24
C LYS A 168 -27.52 -15.95 16.82
N ILE A 169 -27.65 -14.89 16.04
CA ILE A 169 -28.12 -14.97 14.69
C ILE A 169 -27.12 -15.77 13.91
N THR A 170 -25.86 -15.33 14.02
CA THR A 170 -24.76 -15.98 13.32
C THR A 170 -24.68 -17.49 13.60
N ALA A 171 -24.81 -17.86 14.86
CA ALA A 171 -24.70 -19.24 15.26
C ALA A 171 -25.87 -20.10 14.69
N LYS A 172 -27.10 -19.66 14.87
CA LYS A 172 -28.24 -20.39 14.28
C LYS A 172 -28.16 -20.44 12.74
N GLU A 173 -27.79 -19.32 12.12
CA GLU A 173 -27.59 -19.34 10.66
C GLU A 173 -26.54 -20.36 10.22
N LEU A 174 -25.30 -20.29 10.70
CA LEU A 174 -24.27 -21.24 10.26
C LEU A 174 -24.63 -22.69 10.58
N ALA A 175 -25.23 -22.92 11.74
CA ALA A 175 -25.62 -24.26 12.14
C ALA A 175 -26.75 -24.78 11.28
N SER A 176 -27.65 -23.92 10.82
CA SER A 176 -28.71 -24.33 9.89
C SER A 176 -28.14 -24.74 8.51
N TYR A 177 -27.01 -24.17 8.07
CA TYR A 177 -26.30 -24.65 6.83
C TYR A 177 -25.49 -25.94 7.05
N GLY A 178 -25.46 -26.49 8.29
CA GLY A 178 -24.73 -27.73 8.62
C GLY A 178 -23.36 -27.54 9.25
N ILE A 179 -22.96 -26.28 9.48
CA ILE A 179 -21.61 -25.95 9.94
C ILE A 179 -21.56 -26.08 11.44
N PRO A 180 -20.60 -26.85 11.97
CA PRO A 180 -20.40 -26.92 13.41
C PRO A 180 -20.00 -25.57 14.03
N VAL A 181 -20.74 -25.18 15.07
CA VAL A 181 -20.51 -23.93 15.77
C VAL A 181 -20.07 -24.15 17.21
N ILE A 182 -19.09 -23.35 17.64
CA ILE A 182 -18.71 -23.21 19.01
C ILE A 182 -19.05 -21.83 19.42
N TYR A 183 -19.96 -21.63 20.42
CA TYR A 183 -20.41 -20.30 20.87
C TYR A 183 -19.74 -19.94 22.18
N ILE A 184 -19.15 -18.75 22.21
CA ILE A 184 -18.41 -18.23 23.37
C ILE A 184 -18.74 -16.78 23.64
N VAL A 185 -18.38 -16.32 24.85
CA VAL A 185 -18.49 -14.89 25.12
C VAL A 185 -17.33 -14.11 24.53
N ASP A 186 -17.53 -12.81 24.31
CA ASP A 186 -16.50 -11.97 23.70
C ASP A 186 -15.19 -12.04 24.49
N SER A 187 -15.32 -12.07 25.81
CA SER A 187 -14.18 -12.19 26.74
C SER A 187 -13.26 -13.42 26.49
N ALA A 188 -13.77 -14.49 25.89
CA ALA A 188 -13.02 -15.71 25.68
C ALA A 188 -12.19 -15.73 24.37
N ALA A 189 -12.14 -14.62 23.65
CA ALA A 189 -11.55 -14.59 22.30
C ALA A 189 -10.08 -14.92 22.34
N ARG A 190 -9.35 -14.41 23.34
CA ARG A 190 -7.90 -14.72 23.47
C ARG A 190 -7.64 -16.13 23.89
N HIS A 191 -8.44 -16.59 24.83
CA HIS A 191 -8.36 -17.91 25.32
C HIS A 191 -8.54 -18.89 24.22
N TYR A 192 -9.46 -18.65 23.29
CA TYR A 192 -9.66 -19.60 22.19
C TYR A 192 -8.88 -19.21 20.89
N MET A 193 -8.06 -18.17 20.92
CA MET A 193 -7.28 -17.78 19.76
C MET A 193 -6.18 -18.78 19.46
N LYS A 194 -5.74 -19.50 20.47
CA LYS A 194 -4.74 -20.55 20.30
C LYS A 194 -5.21 -21.75 19.42
N MET A 195 -6.48 -22.16 19.51
CA MET A 195 -7.04 -23.20 18.64
C MET A 195 -7.60 -22.68 17.26
N THR A 196 -7.66 -21.36 17.07
CA THR A 196 -8.21 -20.74 15.84
C THR A 196 -7.18 -20.65 14.67
N ASP A 197 -7.58 -21.05 13.45
CA ASP A 197 -6.71 -20.96 12.24
C ASP A 197 -6.87 -19.69 11.43
N LYS A 198 -8.08 -19.11 11.50
CA LYS A 198 -8.45 -17.94 10.67
C LYS A 198 -9.50 -17.12 11.37
N VAL A 199 -9.41 -15.81 11.24
CA VAL A 199 -10.48 -14.93 11.61
C VAL A 199 -11.10 -14.24 10.35
N VAL A 200 -12.43 -14.30 10.30
CA VAL A 200 -13.25 -13.72 9.24
C VAL A 200 -14.38 -12.87 9.83
N MET A 201 -14.24 -11.58 9.66
CA MET A 201 -15.20 -10.62 10.12
C MET A 201 -15.61 -9.72 8.93
N GLY A 202 -16.64 -8.89 9.15
CA GLY A 202 -17.14 -7.96 8.15
C GLY A 202 -16.70 -6.56 8.47
N ALA A 203 -17.36 -5.57 7.84
CA ALA A 203 -17.03 -4.16 7.96
C ALA A 203 -18.24 -3.26 7.79
N ASN A 204 -18.20 -2.09 8.44
CA ASN A 204 -19.26 -1.07 8.24
C ASN A 204 -18.72 0.09 7.43
N SER A 205 -17.47 0.43 7.67
CA SER A 205 -16.76 1.46 6.93
C SER A 205 -15.26 1.11 6.87
N ILE A 206 -14.62 1.35 5.73
CA ILE A 206 -13.21 1.18 5.58
C ILE A 206 -12.59 2.50 5.12
N THR A 207 -11.53 2.93 5.80
CA THR A 207 -11.02 4.26 5.63
C THR A 207 -9.89 4.24 4.61
N ALA A 208 -9.46 5.42 4.22
CA ALA A 208 -8.51 5.62 3.14
C ALA A 208 -7.17 5.02 3.48
N ASN A 209 -6.81 5.08 4.76
CA ASN A 209 -5.57 4.46 5.23
C ASN A 209 -5.68 2.99 5.57
N GLY A 210 -6.84 2.38 5.36
CA GLY A 210 -6.98 0.96 5.61
C GLY A 210 -7.58 0.49 6.95
N ALA A 211 -7.95 1.44 7.81
CA ALA A 211 -8.63 1.11 9.10
C ALA A 211 -10.02 0.59 8.86
N VAL A 212 -10.45 -0.34 9.69
CA VAL A 212 -11.77 -1.00 9.57
C VAL A 212 -12.63 -0.71 10.80
N ILE A 213 -13.73 0.02 10.55
CA ILE A 213 -14.74 0.32 11.56
C ILE A 213 -15.73 -0.81 11.39
N ASN A 214 -15.90 -1.59 12.47
CA ASN A 214 -16.78 -2.79 12.49
C ASN A 214 -17.29 -2.91 13.91
N LYS A 215 -18.14 -3.89 14.17
CA LYS A 215 -18.79 -4.04 15.48
C LYS A 215 -17.81 -3.98 16.65
N ILE A 216 -18.23 -3.26 17.69
CA ILE A 216 -17.48 -3.18 18.93
C ILE A 216 -16.98 -4.54 19.31
N GLY A 217 -15.67 -4.58 19.57
CA GLY A 217 -15.01 -5.83 19.91
C GLY A 217 -14.05 -6.29 18.85
N THR A 218 -14.18 -5.70 17.67
CA THR A 218 -13.48 -6.22 16.48
C THR A 218 -11.96 -6.00 16.62
N SER A 219 -11.59 -4.78 16.98
CA SER A 219 -10.23 -4.39 17.26
C SER A 219 -9.49 -5.26 18.29
N LEU A 220 -10.24 -5.78 19.28
CA LEU A 220 -9.69 -6.69 20.26
C LEU A 220 -9.40 -8.04 19.66
N ILE A 221 -10.38 -8.60 18.99
CA ILE A 221 -10.16 -9.90 18.33
C ILE A 221 -9.01 -9.78 17.35
N ALA A 222 -8.93 -8.64 16.63
CA ALA A 222 -7.88 -8.41 15.67
C ALA A 222 -6.49 -8.39 16.32
N LEU A 223 -6.43 -7.65 17.43
CA LEU A 223 -5.21 -7.47 18.21
C LEU A 223 -4.65 -8.81 18.63
N THR A 224 -5.49 -9.63 19.23
CA THR A 224 -5.00 -10.85 19.74
C THR A 224 -4.69 -11.84 18.66
N ALA A 225 -5.41 -11.76 17.57
CA ALA A 225 -5.12 -12.55 16.34
C ALA A 225 -3.73 -12.23 15.82
N LYS A 226 -3.34 -10.96 15.85
CA LYS A 226 -1.98 -10.58 15.46
C LYS A 226 -0.92 -11.15 16.41
N GLU A 227 -1.10 -10.91 17.72
CA GLU A 227 -0.34 -11.56 18.76
C GLU A 227 -0.07 -13.07 18.48
N HIS A 228 -1.06 -13.81 17.98
CA HIS A 228 -0.91 -15.24 17.69
C HIS A 228 -0.62 -15.61 16.20
N ARG A 229 -0.35 -14.63 15.35
CA ARG A 229 -0.27 -14.83 13.90
C ARG A 229 -1.46 -15.59 13.30
N VAL A 230 -2.66 -15.25 13.68
CA VAL A 230 -3.84 -15.76 12.97
C VAL A 230 -4.30 -14.70 11.98
N TRP A 231 -4.51 -15.11 10.73
CA TRP A 231 -4.88 -14.18 9.64
C TRP A 231 -6.23 -13.55 9.99
N VAL A 232 -6.26 -12.23 10.04
CA VAL A 232 -7.52 -11.49 10.09
C VAL A 232 -8.00 -11.11 8.67
N MET A 233 -9.07 -11.74 8.22
CA MET A 233 -9.66 -11.47 6.89
C MET A 233 -10.97 -10.72 7.06
N ILE A 234 -11.02 -9.51 6.49
CA ILE A 234 -12.19 -8.68 6.50
C ILE A 234 -12.92 -8.80 5.14
N ALA A 235 -14.06 -9.47 5.14
CA ALA A 235 -14.96 -9.61 3.98
C ALA A 235 -15.87 -8.35 3.82
N ALA A 236 -15.68 -7.63 2.72
CA ALA A 236 -16.31 -6.33 2.57
C ALA A 236 -16.44 -5.82 1.10
N GLU A 237 -17.67 -5.46 0.75
CA GLU A 237 -18.04 -4.88 -0.55
C GLU A 237 -17.39 -3.53 -0.69
N THR A 238 -17.17 -3.10 -1.93
CA THR A 238 -16.51 -1.84 -2.20
C THR A 238 -17.33 -0.65 -1.72
N TYR A 239 -18.63 -0.83 -1.64
CA TYR A 239 -19.46 0.27 -1.11
C TYR A 239 -19.31 0.41 0.48
N LYS A 240 -18.58 -0.49 1.15
CA LYS A 240 -18.17 -0.28 2.56
C LYS A 240 -17.04 0.74 2.66
N PHE A 241 -16.38 1.07 1.54
CA PHE A 241 -15.26 1.97 1.59
C PHE A 241 -15.71 3.44 1.69
N HIS A 242 -14.95 4.25 2.42
CA HIS A 242 -15.45 5.50 2.91
C HIS A 242 -14.80 6.71 2.20
N PRO A 243 -15.54 7.33 1.25
CA PRO A 243 -15.03 8.39 0.42
C PRO A 243 -14.47 9.57 1.16
N ALA A 244 -15.19 10.13 2.12
CA ALA A 244 -14.77 11.38 2.69
C ALA A 244 -13.50 11.27 3.57
N THR A 245 -13.12 10.05 3.98
CA THR A 245 -11.84 9.79 4.66
C THR A 245 -10.64 10.14 3.74
N MET A 246 -10.84 10.07 2.41
CA MET A 246 -9.85 10.60 1.47
C MET A 246 -9.44 12.03 1.76
N LEU A 247 -10.36 12.84 2.28
CA LEU A 247 -10.05 14.24 2.55
C LEU A 247 -9.98 14.63 4.02
N GLY A 248 -9.84 13.63 4.92
CA GLY A 248 -9.40 13.86 6.30
C GLY A 248 -10.47 13.63 7.35
N GLN A 249 -11.66 13.28 6.88
CA GLN A 249 -12.81 13.09 7.72
C GLN A 249 -12.58 11.88 8.62
N LEU A 250 -12.84 12.02 9.93
CA LEU A 250 -12.95 10.86 10.83
C LEU A 250 -14.35 10.36 10.75
N VAL A 251 -14.53 9.06 10.90
CA VAL A 251 -15.83 8.43 10.86
C VAL A 251 -16.44 8.57 12.24
N GLU A 252 -17.70 8.97 12.32
CA GLU A 252 -18.43 8.98 13.60
C GLU A 252 -18.70 7.56 14.13
N ILE A 253 -18.39 7.37 15.41
CA ILE A 253 -18.79 6.11 16.10
C ILE A 253 -20.13 6.26 16.82
N GLU A 254 -21.10 5.47 16.38
CA GLU A 254 -22.46 5.58 16.82
C GLU A 254 -22.52 5.13 18.30
N MET A 255 -23.00 6.03 19.17
CA MET A 255 -23.26 5.73 20.56
C MET A 255 -24.74 5.43 20.67
N ARG A 256 -25.09 4.18 20.98
CA ARG A 256 -26.48 3.79 21.09
C ARG A 256 -26.97 3.77 22.54
N ASP A 257 -28.28 3.62 22.69
CA ASP A 257 -28.93 3.86 23.95
C ASP A 257 -28.39 2.94 25.07
N PRO A 258 -28.12 3.50 26.26
CA PRO A 258 -27.64 2.70 27.38
C PRO A 258 -28.49 1.47 27.76
N THR A 259 -29.79 1.46 27.43
CA THR A 259 -30.64 0.37 27.83
C THR A 259 -30.45 -0.91 27.03
N GLU A 260 -29.71 -0.85 25.93
CA GLU A 260 -29.32 -2.05 25.18
C GLU A 260 -28.34 -2.89 26.00
N VAL A 261 -27.52 -2.21 26.84
CA VAL A 261 -26.63 -2.83 27.83
C VAL A 261 -27.33 -3.33 29.16
N ILE A 262 -27.87 -2.35 29.90
CA ILE A 262 -28.65 -2.54 31.11
C ILE A 262 -30.13 -2.24 30.79
N PRO A 263 -31.01 -3.28 30.76
CA PRO A 263 -32.46 -3.01 30.54
C PRO A 263 -33.03 -1.87 31.43
N GLU A 264 -33.95 -1.11 30.85
CA GLU A 264 -34.64 0.00 31.51
C GLU A 264 -35.08 -0.34 32.96
N GLU A 265 -35.70 -1.50 33.15
CA GLU A 265 -36.26 -1.87 34.47
C GLU A 265 -35.17 -1.98 35.49
N GLU A 266 -33.96 -2.32 35.04
CA GLU A 266 -32.83 -2.40 35.93
C GLU A 266 -32.09 -1.05 36.04
N LEU A 267 -31.95 -0.35 34.93
CA LEU A 267 -31.07 0.83 34.95
C LEU A 267 -31.65 1.99 35.77
N ARG A 268 -32.96 2.11 35.75
CA ARG A 268 -33.63 3.15 36.50
C ARG A 268 -33.33 3.08 38.00
N THR A 269 -33.10 1.88 38.50
CA THR A 269 -32.75 1.61 39.91
C THR A 269 -31.28 1.81 40.25
N TRP A 270 -30.43 2.06 39.26
CA TRP A 270 -28.99 2.17 39.49
C TRP A 270 -28.64 3.59 39.86
N PRO A 271 -27.54 3.78 40.61
CA PRO A 271 -27.22 5.13 41.00
C PRO A 271 -26.81 6.07 39.90
N LYS A 272 -26.93 7.35 40.21
CA LYS A 272 -26.70 8.43 39.27
C LYS A 272 -25.23 8.57 38.82
N ASN A 273 -24.25 8.18 39.66
CA ASN A 273 -22.83 8.34 39.32
CA ASN A 273 -22.80 8.35 39.35
C ASN A 273 -22.31 7.21 38.42
N ILE A 274 -23.17 6.29 37.99
CA ILE A 274 -22.87 5.28 36.94
C ILE A 274 -23.36 5.75 35.56
N GLU A 275 -22.45 6.00 34.61
CA GLU A 275 -22.79 6.26 33.20
C GLU A 275 -22.56 4.96 32.44
N VAL A 276 -23.49 4.59 31.58
CA VAL A 276 -23.39 3.44 30.70
C VAL A 276 -23.05 3.98 29.31
N TRP A 277 -21.93 3.52 28.73
CA TRP A 277 -21.44 3.93 27.42
C TRP A 277 -21.50 2.74 26.50
N ASN A 278 -22.15 2.95 25.35
CA ASN A 278 -22.51 1.85 24.44
C ASN A 278 -22.12 2.23 23.02
N PRO A 279 -20.82 2.27 22.75
CA PRO A 279 -20.36 2.44 21.36
C PRO A 279 -20.74 1.23 20.55
N ALA A 280 -21.21 1.47 19.33
CA ALA A 280 -21.63 0.41 18.42
C ALA A 280 -20.49 -0.27 17.63
N PHE A 281 -19.39 0.44 17.48
CA PHE A 281 -18.29 0.02 16.65
C PHE A 281 -17.00 0.41 17.33
N ASP A 282 -15.92 -0.28 17.03
CA ASP A 282 -14.58 0.27 17.21
C ASP A 282 -13.82 0.28 15.87
N VAL A 283 -12.60 0.79 15.94
CA VAL A 283 -11.73 0.97 14.81
C VAL A 283 -10.49 0.10 14.96
N THR A 284 -10.30 -0.80 13.98
CA THR A 284 -9.17 -1.69 13.91
C THR A 284 -8.12 -1.12 12.97
N PRO A 285 -6.87 -1.03 13.43
CA PRO A 285 -5.82 -0.50 12.57
C PRO A 285 -5.43 -1.45 11.42
N PRO A 286 -5.00 -0.91 10.25
CA PRO A 286 -4.61 -1.71 9.07
C PRO A 286 -3.54 -2.76 9.38
N GLU A 287 -2.57 -2.43 10.24
CA GLU A 287 -1.53 -3.42 10.70
C GLU A 287 -2.06 -4.73 11.27
N TYR A 288 -3.29 -4.73 11.76
CA TYR A 288 -3.88 -5.98 12.26
C TYR A 288 -4.77 -6.71 11.29
N ILE A 289 -4.77 -6.26 10.05
CA ILE A 289 -5.61 -6.87 9.00
C ILE A 289 -4.72 -7.51 7.97
N ASP A 290 -5.00 -8.77 7.65
CA ASP A 290 -4.20 -9.51 6.68
C ASP A 290 -4.61 -9.09 5.25
N VAL A 291 -5.89 -9.32 4.94
CA VAL A 291 -6.50 -8.95 3.69
C VAL A 291 -7.91 -8.41 3.88
N ILE A 292 -8.32 -7.63 2.89
CA ILE A 292 -9.70 -7.23 2.68
C ILE A 292 -10.11 -7.95 1.41
N ILE A 293 -11.18 -8.73 1.51
CA ILE A 293 -11.71 -9.50 0.44
C ILE A 293 -12.87 -8.63 -0.04
N THR A 294 -12.72 -7.96 -1.21
CA THR A 294 -13.81 -7.30 -1.97
C THR A 294 -14.33 -8.19 -3.09
N GLU A 295 -15.44 -7.77 -3.72
CA GLU A 295 -16.02 -8.44 -4.88
C GLU A 295 -15.04 -8.35 -6.10
N ARG A 296 -14.14 -7.39 -6.04
CA ARG A 296 -13.07 -7.28 -7.03
C ARG A 296 -11.77 -7.98 -6.67
N GLY A 297 -11.76 -8.78 -5.58
CA GLY A 297 -10.56 -9.48 -5.12
C GLY A 297 -9.88 -9.05 -3.82
N ILE A 298 -8.82 -9.78 -3.51
CA ILE A 298 -8.07 -9.72 -2.27
C ILE A 298 -7.24 -8.50 -2.33
N ILE A 299 -7.28 -7.64 -1.33
CA ILE A 299 -6.31 -6.55 -1.28
C ILE A 299 -5.62 -6.48 0.09
N PRO A 300 -4.40 -5.92 0.14
CA PRO A 300 -3.97 -5.58 1.44
C PRO A 300 -4.74 -4.37 1.90
N PRO A 301 -4.86 -4.22 3.22
CA PRO A 301 -5.71 -3.18 3.69
C PRO A 301 -5.23 -1.79 3.26
N TYR A 302 -3.95 -1.60 3.01
CA TYR A 302 -3.47 -0.26 2.61
C TYR A 302 -3.87 0.15 1.16
N ALA A 303 -4.29 -0.81 0.36
CA ALA A 303 -4.90 -0.56 -0.96
C ALA A 303 -6.35 -0.03 -0.93
N ALA A 304 -6.94 0.15 0.24
CA ALA A 304 -8.19 0.86 0.35
C ALA A 304 -8.21 2.25 -0.38
N ILE A 305 -7.12 2.99 -0.32
CA ILE A 305 -7.06 4.26 -0.97
C ILE A 305 -7.25 4.06 -2.48
N ASP A 306 -6.76 2.95 -3.06
CA ASP A 306 -6.92 2.63 -4.50
C ASP A 306 -8.37 2.34 -4.87
N ILE A 307 -9.06 1.54 -4.06
CA ILE A 307 -10.48 1.29 -4.25
C ILE A 307 -11.25 2.60 -4.24
N LEU A 308 -10.84 3.57 -3.42
CA LEU A 308 -11.54 4.82 -3.30
C LEU A 308 -11.15 5.79 -4.38
N LYS A 309 -9.86 5.86 -4.73
CA LYS A 309 -9.35 6.75 -5.79
C LYS A 309 -10.15 6.52 -7.06
N GLU A 310 -10.40 5.25 -7.36
CA GLU A 310 -10.98 4.79 -8.62
C GLU A 310 -12.51 4.55 -8.69
N GLU A 311 -13.20 4.47 -7.56
CA GLU A 311 -14.66 4.31 -7.57
C GLU A 311 -15.34 5.57 -7.11
N PHE A 312 -14.64 6.40 -6.35
CA PHE A 312 -15.31 7.31 -5.43
C PHE A 312 -14.80 8.71 -5.47
N GLY A 313 -13.52 8.91 -5.79
CA GLY A 313 -12.87 10.19 -5.61
C GLY A 313 -13.45 11.34 -6.44
N TRP A 314 -13.88 11.00 -7.66
CA TRP A 314 -14.52 11.96 -8.57
C TRP A 314 -15.64 12.81 -7.92
N ALA A 315 -16.51 12.16 -7.15
CA ALA A 315 -17.63 12.83 -6.48
C ALA A 315 -17.26 13.85 -5.38
N LEU A 316 -16.05 13.79 -4.83
CA LEU A 316 -15.69 14.65 -3.69
C LEU A 316 -15.52 16.15 -4.00
N LYS A 317 -15.34 16.49 -5.28
CA LYS A 317 -15.41 17.90 -5.76
C LYS A 317 -16.86 18.44 -5.92
N TYR A 318 -17.86 17.55 -5.96
CA TYR A 318 -19.29 17.92 -5.92
C TYR A 318 -19.89 17.84 -4.52
N LYS A 319 -21.09 18.38 -4.41
CA LYS A 319 -21.88 18.30 -3.20
C LYS A 319 -22.57 16.94 -3.26
N GLU A 320 -23.29 16.55 -2.21
CA GLU A 320 -24.01 15.28 -2.24
C GLU A 320 -25.12 15.42 -3.27
N PRO A 321 -25.49 14.33 -3.96
CA PRO A 321 -26.56 14.38 -4.94
C PRO A 321 -28.00 14.43 -4.38
N TRP A 322 -28.17 14.78 -3.09
CA TRP A 322 -29.49 15.07 -2.50
C TRP A 322 -29.55 16.50 -1.91
N GLU A 323 -28.49 17.30 -2.09
CA GLU A 323 -28.34 18.61 -1.43
C GLU A 323 -28.77 19.77 -2.33
N ASP A 324 -29.29 20.80 -1.67
CA ASP A 324 -29.66 22.07 -2.28
C ASP A 324 -28.39 22.92 -2.43
N ALA B 3 -0.83 -36.02 -29.36
CA ALA B 3 0.15 -34.98 -29.85
C ALA B 3 1.61 -35.49 -29.86
N MET B 4 2.36 -35.21 -30.93
CA MET B 4 3.77 -35.65 -31.07
C MET B 4 4.70 -34.62 -30.40
N ILE B 5 5.13 -34.93 -29.18
CA ILE B 5 5.85 -33.99 -28.37
C ILE B 5 7.34 -34.26 -28.52
N VAL B 6 8.13 -33.24 -28.82
CA VAL B 6 9.56 -33.45 -29.02
C VAL B 6 10.26 -33.80 -27.69
N LYS B 7 11.40 -34.46 -27.77
CA LYS B 7 12.09 -34.92 -26.58
C LYS B 7 12.62 -33.74 -25.71
N GLU B 8 12.85 -32.56 -26.30
CA GLU B 8 13.28 -31.38 -25.53
C GLU B 8 12.25 -30.91 -24.48
N VAL B 9 10.99 -31.09 -24.78
CA VAL B 9 9.94 -30.76 -23.85
C VAL B 9 10.01 -31.71 -22.63
N TYR B 10 10.04 -33.02 -22.90
CA TYR B 10 10.09 -34.05 -21.87
C TYR B 10 11.34 -33.95 -21.01
N GLU B 11 12.47 -33.60 -21.63
CA GLU B 11 13.75 -33.55 -20.96
C GLU B 11 13.78 -32.32 -20.03
N THR B 12 13.31 -31.17 -20.52
CA THR B 12 13.16 -29.96 -19.71
C THR B 12 12.24 -30.19 -18.48
N ALA B 13 11.14 -30.86 -18.72
CA ALA B 13 10.22 -31.19 -17.67
C ALA B 13 10.85 -32.07 -16.58
N GLU B 14 11.62 -33.07 -16.98
CA GLU B 14 12.33 -33.92 -16.03
C GLU B 14 13.44 -33.20 -15.23
N LYS B 15 14.15 -32.28 -15.88
CA LYS B 15 15.20 -31.51 -15.25
C LYS B 15 14.73 -30.40 -14.32
N ILE B 16 13.50 -29.96 -14.55
CA ILE B 16 12.82 -29.03 -13.66
C ILE B 16 12.38 -29.80 -12.43
N LYS B 17 11.68 -30.93 -12.62
CA LYS B 17 11.28 -31.85 -11.52
C LYS B 17 12.43 -32.23 -10.61
N SER B 18 13.55 -32.61 -11.21
CA SER B 18 14.71 -33.12 -10.49
C SER B 18 15.58 -32.01 -9.90
N MET B 19 15.32 -30.77 -10.30
CA MET B 19 16.11 -29.58 -9.93
C MET B 19 17.54 -29.52 -10.47
N GLU B 20 17.80 -30.33 -11.48
CA GLU B 20 18.99 -30.09 -12.33
C GLU B 20 18.96 -28.67 -12.91
N ILE B 21 17.76 -28.24 -13.31
CA ILE B 21 17.49 -26.85 -13.68
C ILE B 21 16.57 -26.33 -12.59
N ARG B 22 16.98 -25.22 -11.98
CA ARG B 22 16.31 -24.78 -10.76
C ARG B 22 16.54 -23.31 -10.66
N GLY B 23 15.83 -22.68 -9.75
CA GLY B 23 15.81 -21.21 -9.62
C GLY B 23 14.53 -20.77 -10.33
N ALA B 24 13.78 -19.85 -9.72
CA ALA B 24 12.48 -19.54 -10.22
C ALA B 24 12.54 -18.97 -11.66
N GLY B 25 13.46 -18.07 -11.87
CA GLY B 25 13.61 -17.37 -13.11
C GLY B 25 14.15 -18.27 -14.20
N ARG B 26 15.15 -19.06 -13.86
CA ARG B 26 15.71 -19.97 -14.84
C ARG B 26 14.69 -21.01 -15.35
N ILE B 27 13.91 -21.66 -14.47
CA ILE B 27 12.93 -22.66 -14.94
C ILE B 27 11.84 -22.00 -15.85
N ALA B 28 11.56 -20.72 -15.64
CA ALA B 28 10.62 -20.00 -16.48
C ALA B 28 11.24 -19.81 -17.86
N ARG B 29 12.52 -19.41 -17.91
CA ARG B 29 13.19 -19.33 -19.20
C ARG B 29 13.24 -20.71 -19.85
N ALA B 30 13.46 -21.76 -19.06
CA ALA B 30 13.61 -23.09 -19.64
C ALA B 30 12.28 -23.62 -20.21
N ALA B 31 11.18 -23.16 -19.68
CA ALA B 31 9.88 -23.56 -20.19
C ALA B 31 9.48 -22.80 -21.46
N ALA B 32 9.80 -21.50 -21.53
CA ALA B 32 9.63 -20.72 -22.76
C ALA B 32 10.40 -21.41 -23.92
N GLN B 33 11.71 -21.56 -23.71
CA GLN B 33 12.63 -22.27 -24.54
C GLN B 33 12.11 -23.59 -25.04
N ALA B 34 11.51 -24.38 -24.16
CA ALA B 34 11.00 -25.68 -24.51
C ALA B 34 9.82 -25.55 -25.48
N LEU B 35 8.92 -24.60 -25.25
CA LEU B 35 7.82 -24.34 -26.18
C LEU B 35 8.40 -23.85 -27.53
N MET B 36 9.38 -22.95 -27.49
CA MET B 36 10.12 -22.50 -28.68
C MET B 36 10.55 -23.66 -29.58
N ILE B 37 11.12 -24.67 -28.95
CA ILE B 37 11.70 -25.80 -29.62
C ILE B 37 10.61 -26.77 -30.10
N GLN B 38 9.53 -26.89 -29.35
CA GLN B 38 8.42 -27.66 -29.86
C GLN B 38 7.92 -26.98 -31.17
N ALA B 39 7.92 -25.65 -31.21
CA ALA B 39 7.41 -24.92 -32.31
C ALA B 39 8.36 -25.03 -33.49
N GLU B 40 9.67 -24.80 -33.25
CA GLU B 40 10.70 -25.00 -34.30
C GLU B 40 10.69 -26.39 -34.98
N LYS B 41 10.82 -27.44 -34.18
CA LYS B 41 10.95 -28.79 -34.67
C LYS B 41 9.61 -29.50 -34.98
N SER B 42 8.48 -28.82 -34.77
CA SER B 42 7.19 -29.44 -35.06
C SER B 42 7.08 -29.90 -36.54
N LYS B 43 6.41 -31.02 -36.74
CA LYS B 43 6.08 -31.55 -38.06
C LYS B 43 4.62 -31.33 -38.43
N ALA B 44 3.89 -30.57 -37.62
CA ALA B 44 2.51 -30.21 -37.91
C ALA B 44 2.32 -29.62 -39.33
N LYS B 45 1.19 -30.00 -39.95
CA LYS B 45 0.77 -29.51 -41.28
C LYS B 45 -0.30 -28.44 -41.14
N GLU B 46 -1.28 -28.73 -40.27
CA GLU B 46 -2.38 -27.84 -39.89
C GLU B 46 -2.04 -26.99 -38.65
N PRO B 47 -2.52 -25.73 -38.62
CA PRO B 47 -2.33 -24.93 -37.41
C PRO B 47 -2.98 -25.55 -36.14
N GLU B 48 -4.15 -26.18 -36.26
CA GLU B 48 -4.77 -26.94 -35.15
C GLU B 48 -3.86 -28.05 -34.57
N GLU B 49 -2.99 -28.62 -35.37
CA GLU B 49 -2.16 -29.73 -34.95
C GLU B 49 -0.97 -29.24 -34.08
N LEU B 50 -0.43 -28.09 -34.47
CA LEU B 50 0.59 -27.38 -33.74
C LEU B 50 0.02 -26.78 -32.43
N TRP B 51 -1.14 -26.14 -32.53
CA TRP B 51 -1.85 -25.58 -31.36
C TRP B 51 -2.02 -26.66 -30.27
N ASN B 52 -2.31 -27.88 -30.71
CA ASN B 52 -2.50 -29.00 -29.86
C ASN B 52 -1.20 -29.45 -29.18
N GLU B 53 -0.12 -29.49 -29.96
CA GLU B 53 1.20 -29.77 -29.45
C GLU B 53 1.65 -28.76 -28.39
N LEU B 54 1.37 -27.49 -28.66
CA LEU B 54 1.76 -26.40 -27.79
C LEU B 54 0.97 -26.44 -26.48
N LYS B 55 -0.28 -26.90 -26.53
CA LYS B 55 -1.11 -27.03 -25.36
C LYS B 55 -0.65 -28.18 -24.46
N VAL B 56 -0.41 -29.34 -25.08
CA VAL B 56 0.02 -30.50 -24.38
C VAL B 56 1.43 -30.29 -23.77
N ALA B 57 2.33 -29.67 -24.52
CA ALA B 57 3.65 -29.34 -24.00
C ALA B 57 3.53 -28.38 -22.83
N SER B 58 2.76 -27.30 -23.02
CA SER B 58 2.47 -26.39 -21.95
C SER B 58 2.00 -27.14 -20.65
N LYS B 59 1.18 -28.18 -20.74
CA LYS B 59 0.66 -28.85 -19.58
C LYS B 59 1.72 -29.71 -18.95
N ILE B 60 2.52 -30.39 -19.77
CA ILE B 60 3.63 -31.17 -19.27
C ILE B 60 4.60 -30.30 -18.47
N LEU B 61 4.88 -29.12 -18.98
CA LEU B 61 5.78 -28.21 -18.33
C LEU B 61 5.15 -27.63 -17.07
N TYR B 62 3.85 -27.34 -17.11
CA TYR B 62 3.12 -26.82 -15.95
C TYR B 62 3.15 -27.76 -14.76
N ASN B 63 3.04 -29.06 -15.02
CA ASN B 63 2.99 -30.09 -13.99
C ASN B 63 4.40 -30.59 -13.61
N THR B 64 5.35 -29.67 -13.42
CA THR B 64 6.68 -30.02 -13.03
C THR B 64 6.78 -29.67 -11.56
N ARG B 65 6.87 -28.37 -11.24
CA ARG B 65 6.93 -27.86 -9.92
C ARG B 65 5.89 -26.74 -9.72
N PRO B 66 5.16 -26.78 -8.60
CA PRO B 66 4.01 -25.88 -8.46
C PRO B 66 4.28 -24.50 -7.91
N THR B 67 5.26 -24.32 -7.07
CA THR B 67 5.21 -23.12 -6.20
C THR B 67 5.59 -21.83 -6.90
N ALA B 68 6.64 -21.91 -7.69
CA ALA B 68 7.16 -20.76 -8.39
C ALA B 68 6.21 -20.42 -9.59
N VAL B 69 5.55 -19.27 -9.47
CA VAL B 69 4.61 -18.82 -10.46
C VAL B 69 5.28 -18.25 -11.72
N SER B 70 6.57 -17.89 -11.62
CA SER B 70 7.37 -17.58 -12.81
C SER B 70 7.11 -18.57 -13.95
N LEU B 71 7.02 -19.87 -13.67
CA LEU B 71 6.92 -20.87 -14.72
C LEU B 71 5.57 -20.75 -15.52
N PRO B 72 4.41 -20.96 -14.85
CA PRO B 72 3.10 -20.62 -15.40
C PRO B 72 3.04 -19.25 -16.12
N ASN B 73 3.67 -18.23 -15.55
CA ASN B 73 3.65 -16.92 -16.18
C ASN B 73 4.40 -16.89 -17.55
N ALA B 74 5.47 -17.67 -17.65
CA ALA B 74 6.25 -17.79 -18.85
C ALA B 74 5.44 -18.53 -19.94
N LEU B 75 4.85 -19.64 -19.53
CA LEU B 75 3.93 -20.38 -20.36
C LEU B 75 2.77 -19.48 -20.86
N ARG B 76 2.29 -18.59 -20.01
CA ARG B 76 1.16 -17.76 -20.33
C ARG B 76 1.58 -16.70 -21.33
N TYR B 77 2.76 -16.12 -21.08
CA TYR B 77 3.27 -15.09 -21.94
C TYR B 77 3.31 -15.61 -23.42
N VAL B 78 3.82 -16.82 -23.59
CA VAL B 78 3.88 -17.43 -24.89
C VAL B 78 2.47 -17.78 -25.35
N MET B 79 1.74 -18.49 -24.52
CA MET B 79 0.47 -19.06 -24.95
C MET B 79 -0.71 -18.13 -25.14
N HIS B 80 -0.80 -17.02 -24.43
CA HIS B 80 -1.83 -16.01 -24.70
C HIS B 80 -1.67 -15.56 -26.16
N ARG B 81 -0.42 -15.29 -26.53
CA ARG B 81 -0.11 -14.85 -27.85
C ARG B 81 -0.32 -15.94 -28.91
N VAL B 82 0.10 -17.16 -28.63
CA VAL B 82 -0.21 -18.27 -29.53
C VAL B 82 -1.75 -18.49 -29.71
N LYS B 83 -2.50 -18.35 -28.65
CA LYS B 83 -3.90 -18.60 -28.71
C LYS B 83 -4.58 -17.47 -29.52
N ALA B 84 -4.19 -16.22 -29.28
CA ALA B 84 -4.75 -15.12 -30.06
C ALA B 84 -4.50 -15.31 -31.58
N ALA B 85 -3.27 -15.58 -32.00
CA ALA B 85 -3.01 -15.97 -33.40
C ALA B 85 -3.89 -17.14 -33.91
N TYR B 86 -3.91 -18.27 -33.21
CA TYR B 86 -4.61 -19.45 -33.72
C TYR B 86 -6.09 -19.14 -33.91
N LEU B 87 -6.69 -18.52 -32.90
CA LEU B 87 -8.08 -18.10 -32.94
C LEU B 87 -8.38 -16.97 -33.91
N GLY B 88 -7.37 -16.19 -34.27
CA GLY B 88 -7.52 -15.14 -35.27
C GLY B 88 -7.25 -15.63 -36.70
N GLY B 89 -7.18 -16.97 -36.89
CA GLY B 89 -6.99 -17.59 -38.18
C GLY B 89 -5.59 -17.67 -38.74
N ALA B 90 -4.55 -17.54 -37.92
CA ALA B 90 -3.18 -17.68 -38.42
C ALA B 90 -3.00 -19.05 -39.05
N ASP B 91 -2.16 -19.06 -40.08
CA ASP B 91 -1.77 -20.27 -40.77
C ASP B 91 -0.59 -20.86 -40.01
N LEU B 92 -0.22 -22.10 -40.39
CA LEU B 92 0.82 -22.85 -39.72
C LEU B 92 2.03 -22.03 -39.32
N GLU B 93 2.64 -21.38 -40.31
CA GLU B 93 3.92 -20.71 -40.13
C GLU B 93 3.81 -19.45 -39.30
N THR B 94 2.67 -18.78 -39.37
CA THR B 94 2.44 -17.57 -38.58
C THR B 94 2.24 -17.94 -37.12
N LEU B 95 1.55 -19.05 -36.87
CA LEU B 95 1.44 -19.66 -35.53
C LEU B 95 2.81 -20.12 -35.00
N ARG B 96 3.56 -20.86 -35.81
CA ARG B 96 4.91 -21.30 -35.42
C ARG B 96 5.74 -20.10 -35.00
N PHE B 97 5.69 -19.04 -35.81
CA PHE B 97 6.57 -17.94 -35.57
C PHE B 97 6.09 -17.15 -34.34
N THR B 98 4.78 -17.01 -34.15
CA THR B 98 4.25 -16.34 -32.97
C THR B 98 4.79 -17.02 -31.66
N ALA B 99 4.88 -18.36 -31.68
CA ALA B 99 5.32 -19.16 -30.55
C ALA B 99 6.78 -18.95 -30.36
N ILE B 100 7.54 -19.07 -31.45
CA ILE B 100 8.99 -18.92 -31.38
C ILE B 100 9.38 -17.56 -30.89
N ASN B 101 8.67 -16.56 -31.36
CA ASN B 101 9.06 -15.21 -31.13
C ASN B 101 8.62 -14.71 -29.76
N SER B 102 7.50 -15.25 -29.28
CA SER B 102 6.96 -14.95 -27.96
C SER B 102 7.88 -15.52 -26.89
N ALA B 103 8.31 -16.76 -27.09
CA ALA B 103 9.26 -17.42 -26.20
C ALA B 103 10.56 -16.67 -26.11
N LYS B 104 11.01 -16.12 -27.22
CA LYS B 104 12.24 -15.34 -27.30
C LYS B 104 12.13 -14.06 -26.55
N GLU B 105 11.00 -13.38 -26.71
CA GLU B 105 10.77 -12.14 -26.02
C GLU B 105 10.78 -12.31 -24.49
N PHE B 106 10.20 -13.42 -24.01
CA PHE B 106 10.14 -13.70 -22.58
C PHE B 106 11.56 -13.93 -22.05
N ILE B 107 12.29 -14.75 -22.78
CA ILE B 107 13.67 -15.07 -22.41
C ILE B 107 14.51 -13.82 -22.35
N TYR B 108 14.38 -12.97 -23.36
CA TYR B 108 15.14 -11.71 -23.43
C TYR B 108 14.69 -10.75 -22.32
N ASN B 109 13.39 -10.63 -22.13
CA ASN B 109 12.87 -9.78 -21.06
C ASN B 109 13.35 -10.20 -19.63
N SER B 110 13.36 -11.50 -19.35
CA SER B 110 13.85 -12.09 -18.12
C SER B 110 15.31 -11.74 -17.90
N GLU B 111 16.14 -11.94 -18.92
CA GLU B 111 17.56 -11.56 -18.80
C GLU B 111 17.76 -10.06 -18.55
N LYS B 112 16.99 -9.22 -19.23
CA LYS B 112 17.14 -7.76 -19.04
C LYS B 112 16.63 -7.23 -17.68
N ALA B 113 15.53 -7.83 -17.22
CA ALA B 113 14.90 -7.53 -15.96
C ALA B 113 15.85 -7.82 -14.76
N ILE B 114 16.56 -8.95 -14.85
CA ILE B 114 17.57 -9.34 -13.84
C ILE B 114 18.73 -8.37 -13.79
N GLU B 115 19.17 -7.92 -14.96
CA GLU B 115 20.17 -6.87 -15.03
C GLU B 115 19.66 -5.57 -14.36
N ARG B 116 18.43 -5.17 -14.68
CA ARG B 116 17.86 -3.89 -14.23
C ARG B 116 17.64 -3.89 -12.68
N ILE B 117 17.14 -5.03 -12.22
CA ILE B 117 17.00 -5.33 -10.78
C ILE B 117 18.32 -5.13 -10.03
N GLY B 118 19.42 -5.66 -10.57
CA GLY B 118 20.76 -5.42 -10.06
C GLY B 118 21.14 -3.96 -10.00
N GLU B 119 20.85 -3.23 -11.08
CA GLU B 119 21.24 -1.81 -11.16
C GLU B 119 20.44 -1.03 -10.12
N ILE B 120 19.19 -1.44 -9.93
CA ILE B 120 18.30 -0.76 -9.01
C ILE B 120 18.61 -1.08 -7.56
N GLY B 121 18.75 -2.37 -7.24
CA GLY B 121 19.00 -2.79 -5.85
C GLY B 121 20.34 -2.34 -5.33
N ALA B 122 21.34 -2.40 -6.19
CA ALA B 122 22.69 -1.98 -5.85
C ALA B 122 22.74 -0.58 -5.30
N LYS B 123 21.82 0.28 -5.69
CA LYS B 123 21.83 1.64 -5.17
C LYS B 123 21.51 1.70 -3.70
N ARG B 124 20.79 0.70 -3.21
CA ARG B 124 20.52 0.58 -1.78
C ARG B 124 21.61 -0.13 -0.96
N ILE B 125 22.71 -0.56 -1.60
CA ILE B 125 23.85 -1.18 -0.92
C ILE B 125 24.84 -0.05 -0.78
N GLU B 126 25.39 0.09 0.42
CA GLU B 126 26.38 1.12 0.74
C GLU B 126 27.78 0.53 1.00
N ASP B 127 28.80 1.32 0.70
CA ASP B 127 30.18 0.98 1.01
C ASP B 127 30.32 0.48 2.47
N GLY B 128 30.90 -0.69 2.63
CA GLY B 128 31.09 -1.32 3.94
C GLY B 128 30.01 -2.33 4.35
N ASP B 129 28.97 -2.50 3.54
CA ASP B 129 27.82 -3.31 3.99
C ASP B 129 28.17 -4.80 4.10
N ILE B 130 27.65 -5.39 5.15
CA ILE B 130 27.62 -6.83 5.31
C ILE B 130 26.21 -7.21 4.89
N ILE B 131 26.11 -8.12 3.95
CA ILE B 131 24.80 -8.51 3.40
C ILE B 131 24.52 -9.96 3.69
N MET B 132 23.33 -10.28 4.19
CA MET B 132 23.01 -11.72 4.37
C MET B 132 22.02 -12.11 3.29
N THR B 133 22.22 -13.29 2.73
CA THR B 133 21.35 -13.84 1.67
C THR B 133 20.97 -15.27 2.01
N HIS B 134 20.17 -15.90 1.18
CA HIS B 134 19.65 -17.22 1.53
C HIS B 134 19.42 -17.92 0.21
N CYS B 135 19.68 -19.22 0.13
CA CYS B 135 19.62 -19.96 -1.13
C CYS B 135 20.47 -19.35 -2.24
N HIS B 136 20.09 -19.64 -3.49
CA HIS B 136 20.80 -19.10 -4.68
C HIS B 136 19.73 -18.48 -5.59
N SER B 137 19.67 -17.16 -5.54
CA SER B 137 18.78 -16.33 -6.31
C SER B 137 19.65 -15.48 -7.18
N LYS B 138 19.43 -15.66 -8.47
CA LYS B 138 20.07 -14.87 -9.51
C LYS B 138 19.73 -13.40 -9.38
N ALA B 139 18.50 -13.11 -8.94
CA ALA B 139 18.06 -11.71 -8.83
C ALA B 139 18.81 -11.00 -7.69
N ALA B 140 18.89 -11.68 -6.53
CA ALA B 140 19.64 -11.17 -5.36
C ALA B 140 21.08 -11.00 -5.67
N ILE B 141 21.65 -12.06 -6.24
CA ILE B 141 23.03 -12.01 -6.70
C ILE B 141 23.29 -10.88 -7.67
N SER B 142 22.37 -10.58 -8.59
CA SER B 142 22.63 -9.48 -9.53
C SER B 142 22.87 -8.19 -8.76
N VAL B 143 22.14 -8.02 -7.67
CA VAL B 143 22.28 -6.82 -6.82
C VAL B 143 23.67 -6.76 -6.16
N MET B 144 24.08 -7.88 -5.58
CA MET B 144 25.36 -7.94 -4.86
C MET B 144 26.51 -7.75 -5.83
N LYS B 145 26.42 -8.43 -6.96
CA LYS B 145 27.44 -8.35 -8.00
C LYS B 145 27.58 -6.90 -8.50
N LYS B 146 26.48 -6.21 -8.80
CA LYS B 146 26.58 -4.83 -9.25
C LYS B 146 27.08 -3.86 -8.19
N ALA B 147 26.72 -4.08 -6.92
CA ALA B 147 27.23 -3.19 -5.88
C ALA B 147 28.74 -3.31 -5.76
N PHE B 148 29.26 -4.54 -5.86
CA PHE B 148 30.69 -4.72 -5.82
C PHE B 148 31.38 -4.03 -7.00
N GLU B 149 30.83 -4.23 -8.21
CA GLU B 149 31.33 -3.61 -9.44
C GLU B 149 31.27 -2.10 -9.39
N GLN B 150 30.38 -1.52 -8.61
CA GLN B 150 30.43 -0.07 -8.37
C GLN B 150 31.56 0.35 -7.39
N GLY B 151 32.34 -0.61 -6.85
CA GLY B 151 33.46 -0.31 -5.97
C GLY B 151 33.12 -0.27 -4.50
N LYS B 152 31.90 -0.62 -4.16
CA LYS B 152 31.51 -0.83 -2.77
C LYS B 152 32.15 -2.08 -2.18
N ASN B 153 32.77 -1.92 -1.02
CA ASN B 153 33.41 -3.06 -0.34
C ASN B 153 32.32 -3.73 0.43
N ILE B 154 31.93 -4.91 0.02
CA ILE B 154 30.87 -5.64 0.70
C ILE B 154 31.38 -6.97 1.16
N LYS B 155 30.71 -7.60 2.12
CA LYS B 155 30.90 -9.03 2.39
C LYS B 155 29.54 -9.60 2.41
N VAL B 156 29.41 -10.86 1.99
CA VAL B 156 28.16 -11.48 2.04
C VAL B 156 28.22 -12.70 2.92
N ILE B 157 27.27 -12.74 3.87
CA ILE B 157 27.00 -13.86 4.64
C ILE B 157 26.04 -14.72 3.85
N VAL B 158 26.47 -15.94 3.58
CA VAL B 158 25.74 -16.85 2.79
C VAL B 158 25.35 -17.97 3.71
N THR B 159 24.06 -18.29 3.72
CA THR B 159 23.50 -19.38 4.47
C THR B 159 23.49 -20.63 3.62
N GLU B 160 23.85 -21.77 4.21
CA GLU B 160 24.02 -22.97 3.40
C GLU B 160 22.78 -23.47 2.70
N THR B 161 21.63 -23.14 3.26
CA THR B 161 20.38 -23.49 2.67
C THR B 161 20.14 -24.99 2.46
N ARG B 162 19.84 -25.64 3.55
CA ARG B 162 19.48 -27.04 3.52
C ARG B 162 18.07 -27.16 3.00
N PRO B 163 17.69 -28.33 2.50
CA PRO B 163 18.49 -29.57 2.42
C PRO B 163 19.39 -29.74 1.18
N LYS B 164 19.14 -28.92 0.14
CA LYS B 164 19.73 -29.08 -1.16
C LYS B 164 21.01 -28.30 -1.37
N TRP B 165 21.39 -27.52 -0.35
CA TRP B 165 22.67 -26.85 -0.27
C TRP B 165 22.92 -25.79 -1.35
N GLN B 166 21.90 -25.02 -1.72
CA GLN B 166 22.08 -23.95 -2.70
C GLN B 166 23.05 -22.89 -2.24
N GLY B 167 23.29 -22.75 -0.93
CA GLY B 167 24.27 -21.73 -0.45
C GLY B 167 25.68 -21.95 -1.03
N LYS B 168 25.99 -23.21 -1.32
CA LYS B 168 27.27 -23.57 -1.92
C LYS B 168 27.48 -22.98 -3.27
N ILE B 169 26.41 -22.98 -4.05
CA ILE B 169 26.40 -22.37 -5.38
C ILE B 169 26.63 -20.87 -5.20
N THR B 170 25.90 -20.25 -4.26
CA THR B 170 25.97 -18.79 -4.05
C THR B 170 27.32 -18.36 -3.55
N ALA B 171 27.91 -19.19 -2.71
CA ALA B 171 29.18 -18.81 -2.07
C ALA B 171 30.30 -18.81 -3.12
N LYS B 172 30.34 -19.87 -3.91
CA LYS B 172 31.33 -20.04 -5.01
C LYS B 172 31.15 -19.01 -6.07
N GLU B 173 29.91 -18.64 -6.35
CA GLU B 173 29.64 -17.64 -7.37
C GLU B 173 30.05 -16.25 -6.91
N LEU B 174 29.66 -15.87 -5.70
CA LEU B 174 30.08 -14.54 -5.23
C LEU B 174 31.59 -14.44 -5.09
N ALA B 175 32.23 -15.51 -4.66
CA ALA B 175 33.71 -15.53 -4.49
C ALA B 175 34.40 -15.31 -5.81
N SER B 176 33.94 -16.06 -6.81
CA SER B 176 34.44 -15.92 -8.20
C SER B 176 34.39 -14.50 -8.77
N TYR B 177 33.45 -13.66 -8.32
CA TYR B 177 33.45 -12.24 -8.72
C TYR B 177 34.37 -11.37 -7.89
N GLY B 178 35.08 -11.90 -6.90
CA GLY B 178 35.84 -11.07 -5.98
C GLY B 178 35.25 -10.74 -4.61
N ILE B 179 34.05 -11.27 -4.31
CA ILE B 179 33.31 -10.80 -3.16
C ILE B 179 33.62 -11.74 -2.03
N PRO B 180 34.19 -11.22 -0.93
CA PRO B 180 34.35 -12.05 0.29
C PRO B 180 33.02 -12.62 0.78
N VAL B 181 33.04 -13.86 1.28
CA VAL B 181 31.87 -14.52 1.75
C VAL B 181 32.10 -15.04 3.16
N ILE B 182 31.06 -14.97 3.99
CA ILE B 182 31.02 -15.72 5.23
C ILE B 182 29.94 -16.77 5.12
N TYR B 183 30.35 -18.02 5.17
CA TYR B 183 29.43 -19.11 4.98
C TYR B 183 29.03 -19.64 6.35
N ILE B 184 27.72 -19.82 6.59
CA ILE B 184 27.18 -20.29 7.86
C ILE B 184 26.03 -21.32 7.71
N VAL B 185 25.74 -22.05 8.75
CA VAL B 185 24.57 -22.88 8.72
C VAL B 185 23.33 -21.98 8.90
N ASP B 186 22.14 -22.48 8.51
CA ASP B 186 20.88 -21.68 8.59
C ASP B 186 20.60 -21.29 10.04
N SER B 187 20.76 -22.23 10.99
CA SER B 187 20.59 -21.95 12.43
C SER B 187 21.35 -20.74 12.99
N ALA B 188 22.39 -20.30 12.30
CA ALA B 188 23.19 -19.19 12.80
C ALA B 188 22.75 -17.79 12.34
N ALA B 189 21.60 -17.70 11.66
CA ALA B 189 21.17 -16.41 11.08
C ALA B 189 20.88 -15.34 12.12
N ARG B 190 20.29 -15.72 13.26
CA ARG B 190 20.07 -14.74 14.35
C ARG B 190 21.39 -14.34 15.01
N HIS B 191 22.19 -15.33 15.39
CA HIS B 191 23.54 -15.05 15.91
C HIS B 191 24.33 -14.08 15.02
N TYR B 192 24.21 -14.17 13.68
CA TYR B 192 24.95 -13.16 12.83
C TYR B 192 24.17 -11.97 12.34
N MET B 193 22.91 -11.87 12.74
CA MET B 193 22.09 -10.71 12.34
C MET B 193 22.58 -9.42 12.94
N LYS B 194 23.25 -9.53 14.07
CA LYS B 194 23.72 -8.37 14.82
C LYS B 194 24.87 -7.64 14.05
N MET B 195 25.64 -8.35 13.21
CA MET B 195 26.68 -7.74 12.36
C MET B 195 26.18 -7.43 10.91
N THR B 196 24.97 -7.87 10.55
CA THR B 196 24.41 -7.71 9.19
C THR B 196 23.83 -6.30 8.97
N ASP B 197 24.18 -5.69 7.84
CA ASP B 197 23.62 -4.39 7.48
C ASP B 197 22.38 -4.52 6.64
N LYS B 198 22.30 -5.54 5.77
CA LYS B 198 21.19 -5.65 4.79
C LYS B 198 20.89 -7.10 4.54
N VAL B 199 19.63 -7.43 4.32
CA VAL B 199 19.28 -8.76 3.86
C VAL B 199 18.77 -8.59 2.41
N VAL B 200 19.17 -9.53 1.54
CA VAL B 200 18.84 -9.54 0.13
C VAL B 200 18.55 -10.99 -0.31
N MET B 201 17.28 -11.29 -0.58
CA MET B 201 16.86 -12.61 -0.99
C MET B 201 16.00 -12.49 -2.25
N GLY B 202 15.74 -13.63 -2.84
CA GLY B 202 14.86 -13.71 -4.00
C GLY B 202 13.45 -14.09 -3.66
N ALA B 203 12.71 -14.50 -4.69
CA ALA B 203 11.33 -14.92 -4.57
C ALA B 203 10.98 -15.86 -5.65
N ASN B 204 10.14 -16.82 -5.29
CA ASN B 204 9.51 -17.76 -6.20
C ASN B 204 8.13 -17.33 -6.61
N SER B 205 7.35 -16.78 -5.65
CA SER B 205 6.04 -16.18 -5.86
C SER B 205 5.77 -15.09 -4.81
N ILE B 206 5.09 -14.02 -5.25
CA ILE B 206 4.70 -12.89 -4.43
C ILE B 206 3.20 -12.69 -4.65
N THR B 207 2.47 -12.45 -3.56
CA THR B 207 1.04 -12.56 -3.52
C THR B 207 0.46 -11.19 -3.55
N ALA B 208 -0.84 -11.15 -3.78
CA ALA B 208 -1.56 -9.88 -3.86
C ALA B 208 -1.46 -9.03 -2.61
N ASN B 209 -1.38 -9.65 -1.43
CA ASN B 209 -1.20 -8.85 -0.21
C ASN B 209 0.27 -8.54 0.13
N GLY B 210 1.22 -8.98 -0.70
CA GLY B 210 2.61 -8.62 -0.53
C GLY B 210 3.50 -9.68 0.17
N ALA B 211 2.96 -10.83 0.42
CA ALA B 211 3.72 -11.90 1.03
C ALA B 211 4.64 -12.55 -0.05
N VAL B 212 5.76 -13.10 0.39
CA VAL B 212 6.81 -13.58 -0.47
C VAL B 212 7.02 -15.04 -0.11
N ILE B 213 6.77 -15.92 -1.08
CA ILE B 213 7.02 -17.33 -0.97
C ILE B 213 8.43 -17.54 -1.55
N ASN B 214 9.34 -18.04 -0.74
CA ASN B 214 10.75 -18.21 -1.15
C ASN B 214 11.35 -19.41 -0.41
N LYS B 215 12.56 -19.84 -0.77
CA LYS B 215 13.15 -21.03 -0.19
C LYS B 215 12.89 -21.14 1.33
N ILE B 216 12.56 -22.34 1.76
CA ILE B 216 12.44 -22.68 3.15
C ILE B 216 13.51 -21.98 4.03
N GLY B 217 13.04 -21.31 5.10
CA GLY B 217 13.87 -20.55 6.03
C GLY B 217 13.96 -19.06 5.80
N THR B 218 13.56 -18.62 4.62
CA THR B 218 13.47 -17.21 4.29
C THR B 218 12.70 -16.41 5.36
N SER B 219 11.60 -16.97 5.83
CA SER B 219 10.73 -16.30 6.81
C SER B 219 11.41 -16.14 8.12
N LEU B 220 12.27 -17.09 8.49
CA LEU B 220 13.04 -16.97 9.73
C LEU B 220 14.03 -15.86 9.69
N ILE B 221 14.72 -15.75 8.57
CA ILE B 221 15.72 -14.73 8.40
C ILE B 221 15.03 -13.38 8.41
N ALA B 222 13.87 -13.27 7.73
CA ALA B 222 13.16 -11.97 7.71
C ALA B 222 12.62 -11.57 9.11
N LEU B 223 12.12 -12.55 9.86
CA LEU B 223 11.72 -12.37 11.25
C LEU B 223 12.82 -11.77 12.09
N THR B 224 14.01 -12.39 12.12
CA THR B 224 15.04 -11.83 12.98
C THR B 224 15.65 -10.57 12.45
N ALA B 225 15.56 -10.37 11.15
CA ALA B 225 15.97 -9.11 10.54
C ALA B 225 15.11 -7.99 11.03
N LYS B 226 13.82 -8.25 11.09
CA LYS B 226 12.89 -7.26 11.59
C LYS B 226 13.18 -6.94 13.03
N GLU B 227 13.29 -7.99 13.84
CA GLU B 227 13.71 -7.89 15.26
C GLU B 227 14.87 -6.97 15.40
N HIS B 228 15.77 -7.00 14.44
CA HIS B 228 17.01 -6.22 14.54
C HIS B 228 17.02 -4.92 13.70
N ARG B 229 15.92 -4.54 13.08
CA ARG B 229 15.88 -3.41 12.11
C ARG B 229 16.91 -3.52 11.02
N VAL B 230 17.10 -4.71 10.50
CA VAL B 230 17.88 -4.88 9.26
C VAL B 230 16.94 -4.94 8.07
N TRP B 231 17.21 -4.14 7.06
CA TRP B 231 16.33 -4.02 5.89
C TRP B 231 16.30 -5.37 5.22
N VAL B 232 15.10 -5.91 5.00
CA VAL B 232 14.92 -7.06 4.17
C VAL B 232 14.46 -6.61 2.78
N MET B 233 15.30 -6.84 1.75
CA MET B 233 15.04 -6.45 0.38
C MET B 233 14.88 -7.69 -0.43
N ILE B 234 13.79 -7.76 -1.19
CA ILE B 234 13.49 -8.93 -1.97
C ILE B 234 13.64 -8.56 -3.45
N ALA B 235 14.63 -9.18 -4.13
CA ALA B 235 14.92 -8.92 -5.53
C ALA B 235 14.09 -9.84 -6.40
N ALA B 236 13.18 -9.26 -7.19
CA ALA B 236 12.21 -10.10 -7.90
C ALA B 236 11.54 -9.46 -9.15
N GLU B 237 11.51 -10.27 -10.20
CA GLU B 237 10.93 -9.88 -11.47
C GLU B 237 9.44 -9.82 -11.32
N THR B 238 8.80 -8.99 -12.14
CA THR B 238 7.32 -8.91 -12.23
C THR B 238 6.66 -10.27 -12.47
N TYR B 239 7.32 -11.18 -13.19
CA TYR B 239 6.74 -12.48 -13.43
C TYR B 239 6.86 -13.42 -12.20
N LYS B 240 7.50 -12.95 -11.15
CA LYS B 240 7.34 -13.64 -9.84
C LYS B 240 5.98 -13.35 -9.16
N PHE B 241 5.22 -12.34 -9.59
CA PHE B 241 4.00 -11.96 -8.89
C PHE B 241 2.90 -12.89 -9.34
N HIS B 242 2.02 -13.26 -8.41
CA HIS B 242 1.10 -14.39 -8.58
C HIS B 242 -0.34 -13.93 -8.82
N PRO B 243 -0.81 -14.05 -10.08
CA PRO B 243 -2.11 -13.50 -10.44
C PRO B 243 -3.27 -14.15 -9.74
N ALA B 244 -3.32 -15.48 -9.67
CA ALA B 244 -4.48 -16.17 -9.08
C ALA B 244 -4.75 -15.74 -7.59
N THR B 245 -3.74 -15.20 -6.92
CA THR B 245 -3.92 -14.73 -5.52
C THR B 245 -4.80 -13.52 -5.42
N MET B 246 -4.89 -12.75 -6.51
CA MET B 246 -5.85 -11.60 -6.60
C MET B 246 -7.31 -12.04 -6.33
N LEU B 247 -7.63 -13.30 -6.64
CA LEU B 247 -8.95 -13.82 -6.48
C LEU B 247 -9.00 -14.85 -5.43
N GLY B 248 -8.05 -14.78 -4.47
CA GLY B 248 -8.08 -15.58 -3.24
C GLY B 248 -7.30 -16.89 -3.20
N GLN B 249 -6.68 -17.25 -4.30
CA GLN B 249 -5.97 -18.50 -4.38
C GLN B 249 -4.81 -18.45 -3.40
N LEU B 250 -4.58 -19.58 -2.70
CA LEU B 250 -3.38 -19.73 -1.84
C LEU B 250 -2.41 -20.43 -2.68
N VAL B 251 -1.13 -20.12 -2.52
CA VAL B 251 -0.05 -20.86 -3.20
C VAL B 251 0.31 -22.21 -2.54
N GLU B 252 0.27 -23.27 -3.33
CA GLU B 252 0.75 -24.57 -2.94
C GLU B 252 2.26 -24.52 -2.61
N ILE B 253 2.60 -25.14 -1.48
CA ILE B 253 3.96 -25.27 -1.01
C ILE B 253 4.41 -26.68 -1.31
N GLU B 254 5.41 -26.74 -2.17
CA GLU B 254 5.99 -27.96 -2.72
C GLU B 254 6.62 -28.75 -1.60
N MET B 255 6.20 -29.99 -1.47
CA MET B 255 6.79 -30.90 -0.52
C MET B 255 7.66 -31.85 -1.37
N ARG B 256 8.97 -31.87 -1.15
CA ARG B 256 9.91 -32.67 -1.97
C ARG B 256 10.35 -33.95 -1.25
N ASP B 257 11.00 -34.84 -1.99
CA ASP B 257 11.33 -36.14 -1.47
C ASP B 257 12.07 -36.10 -0.11
N PRO B 258 11.66 -36.93 0.87
CA PRO B 258 12.45 -37.12 2.12
C PRO B 258 13.93 -37.40 1.92
N THR B 259 14.27 -38.09 0.84
CA THR B 259 15.67 -38.45 0.57
C THR B 259 16.60 -37.29 0.28
N GLU B 260 16.07 -36.10 0.04
CA GLU B 260 16.94 -34.91 -0.05
C GLU B 260 17.46 -34.52 1.34
N VAL B 261 16.74 -34.89 2.40
CA VAL B 261 17.04 -34.43 3.73
C VAL B 261 17.95 -35.47 4.32
N ILE B 262 17.44 -36.72 4.35
CA ILE B 262 18.21 -37.92 4.75
C ILE B 262 18.44 -38.82 3.51
N PRO B 263 19.69 -39.07 3.07
CA PRO B 263 19.95 -39.98 1.89
C PRO B 263 19.30 -41.37 2.02
N GLU B 264 18.85 -41.91 0.91
CA GLU B 264 18.11 -43.18 0.85
C GLU B 264 18.78 -44.34 1.63
N GLU B 265 20.11 -44.49 1.49
CA GLU B 265 20.85 -45.54 2.20
C GLU B 265 20.58 -45.51 3.71
N GLU B 266 20.73 -44.32 4.28
CA GLU B 266 20.45 -44.07 5.70
C GLU B 266 18.97 -44.17 6.06
N LEU B 267 18.12 -43.64 5.20
CA LEU B 267 16.73 -43.43 5.53
C LEU B 267 15.96 -44.74 5.59
N ARG B 268 16.40 -45.74 4.82
CA ARG B 268 15.72 -47.05 4.86
C ARG B 268 15.97 -47.82 6.14
N THR B 269 17.00 -47.42 6.90
CA THR B 269 17.29 -48.01 8.19
C THR B 269 16.40 -47.45 9.30
N TRP B 270 15.66 -46.37 9.06
CA TRP B 270 14.95 -45.70 10.16
C TRP B 270 13.61 -46.31 10.42
N PRO B 271 13.14 -46.25 11.69
CA PRO B 271 11.84 -46.85 11.99
C PRO B 271 10.72 -46.07 11.30
N LYS B 272 9.60 -46.74 11.05
CA LYS B 272 8.48 -46.14 10.34
C LYS B 272 7.75 -45.00 11.08
N ASN B 273 7.95 -44.82 12.38
CA ASN B 273 7.28 -43.76 13.12
C ASN B 273 8.12 -42.46 13.15
N ILE B 274 9.22 -42.40 12.41
CA ILE B 274 9.85 -41.11 12.00
C ILE B 274 9.36 -40.77 10.58
N GLU B 275 8.79 -39.57 10.43
CA GLU B 275 8.37 -39.02 9.13
C GLU B 275 9.31 -37.91 8.84
N VAL B 276 9.86 -37.87 7.63
CA VAL B 276 10.69 -36.74 7.26
C VAL B 276 9.78 -35.86 6.45
N TRP B 277 9.73 -34.57 6.78
CA TRP B 277 8.90 -33.62 6.04
C TRP B 277 9.80 -32.56 5.40
N ASN B 278 9.65 -32.29 4.09
CA ASN B 278 10.60 -31.45 3.34
C ASN B 278 9.89 -30.38 2.51
N PRO B 279 9.30 -29.38 3.17
CA PRO B 279 8.77 -28.26 2.41
C PRO B 279 9.91 -27.50 1.75
N ALA B 280 9.76 -27.20 0.47
CA ALA B 280 10.83 -26.49 -0.26
C ALA B 280 10.71 -25.01 -0.10
N PHE B 281 9.55 -24.53 0.38
CA PHE B 281 9.34 -23.05 0.58
C PHE B 281 8.62 -22.73 1.89
N ASP B 282 8.77 -21.50 2.35
CA ASP B 282 7.85 -20.92 3.28
C ASP B 282 7.34 -19.55 2.82
N VAL B 283 6.43 -19.00 3.62
CA VAL B 283 5.84 -17.70 3.34
C VAL B 283 6.21 -16.68 4.40
N THR B 284 6.66 -15.53 3.92
CA THR B 284 7.16 -14.42 4.69
C THR B 284 6.18 -13.29 4.58
N PRO B 285 5.61 -12.83 5.70
CA PRO B 285 4.56 -11.83 5.57
C PRO B 285 5.07 -10.46 5.19
N PRO B 286 4.21 -9.62 4.60
CA PRO B 286 4.69 -8.34 4.03
C PRO B 286 5.28 -7.40 5.07
N GLU B 287 4.84 -7.48 6.31
CA GLU B 287 5.37 -6.57 7.36
C GLU B 287 6.84 -6.79 7.67
N TYR B 288 7.38 -7.95 7.28
CA TYR B 288 8.82 -8.24 7.45
C TYR B 288 9.70 -7.92 6.24
N ILE B 289 9.13 -7.31 5.22
CA ILE B 289 9.80 -6.95 3.98
C ILE B 289 9.81 -5.46 3.88
N ASP B 290 10.98 -4.86 3.71
CA ASP B 290 11.16 -3.40 3.51
C ASP B 290 10.76 -2.93 2.07
N VAL B 291 11.32 -3.62 1.07
CA VAL B 291 11.13 -3.30 -0.34
C VAL B 291 11.23 -4.55 -1.15
N ILE B 292 10.50 -4.55 -2.26
CA ILE B 292 10.66 -5.47 -3.34
C ILE B 292 11.30 -4.61 -4.43
N ILE B 293 12.34 -5.14 -5.07
CA ILE B 293 13.11 -4.48 -6.13
C ILE B 293 12.71 -5.27 -7.34
N THR B 294 11.88 -4.65 -8.19
CA THR B 294 11.53 -5.24 -9.50
C THR B 294 12.29 -4.50 -10.60
N GLU B 295 12.15 -4.96 -11.85
CA GLU B 295 12.73 -4.29 -13.01
C GLU B 295 12.08 -2.92 -13.29
N ARG B 296 10.90 -2.67 -12.70
CA ARG B 296 10.25 -1.37 -12.85
C ARG B 296 10.40 -0.48 -11.66
N GLY B 297 11.21 -0.83 -10.67
CA GLY B 297 11.50 0.04 -9.54
C GLY B 297 11.27 -0.64 -8.18
N ILE B 298 11.57 0.14 -7.16
CA ILE B 298 11.38 -0.18 -5.75
C ILE B 298 9.90 -0.01 -5.45
N ILE B 299 9.28 -1.01 -4.81
CA ILE B 299 7.94 -0.87 -4.24
C ILE B 299 7.93 -1.34 -2.77
N PRO B 300 7.03 -0.75 -1.92
CA PRO B 300 6.74 -1.48 -0.66
C PRO B 300 6.00 -2.74 -1.02
N PRO B 301 6.03 -3.76 -0.15
CA PRO B 301 5.45 -5.08 -0.51
C PRO B 301 3.96 -5.08 -0.77
N TYR B 302 3.27 -4.19 -0.08
CA TYR B 302 1.82 -4.06 -0.26
C TYR B 302 1.40 -3.50 -1.66
N ALA B 303 2.34 -2.87 -2.36
CA ALA B 303 2.13 -2.47 -3.73
C ALA B 303 2.25 -3.64 -4.71
N ALA B 304 2.40 -4.87 -4.22
CA ALA B 304 2.31 -6.01 -5.11
C ALA B 304 1.00 -6.08 -5.83
N ILE B 305 -0.04 -5.54 -5.24
CA ILE B 305 -1.37 -5.59 -5.87
C ILE B 305 -1.39 -4.70 -7.14
N ASP B 306 -0.70 -3.56 -7.09
CA ASP B 306 -0.51 -2.68 -8.23
C ASP B 306 0.16 -3.38 -9.43
N ILE B 307 1.33 -4.01 -9.23
CA ILE B 307 1.95 -4.87 -10.23
C ILE B 307 0.93 -5.90 -10.76
N LEU B 308 0.17 -6.54 -9.90
CA LEU B 308 -0.72 -7.54 -10.40
C LEU B 308 -1.86 -6.96 -11.22
N LYS B 309 -2.42 -5.83 -10.78
CA LYS B 309 -3.53 -5.14 -11.45
C LYS B 309 -3.09 -4.70 -12.86
N GLU B 310 -1.99 -3.99 -12.94
CA GLU B 310 -1.62 -3.32 -14.14
C GLU B 310 -1.08 -4.26 -15.22
N GLU B 311 -0.61 -5.46 -14.83
CA GLU B 311 0.00 -6.41 -15.78
C GLU B 311 -0.68 -7.76 -15.94
N PHE B 312 -1.42 -8.27 -14.94
CA PHE B 312 -1.92 -9.64 -15.00
C PHE B 312 -3.40 -9.81 -14.71
N GLY B 313 -4.05 -8.81 -14.11
CA GLY B 313 -5.47 -8.90 -13.76
C GLY B 313 -6.35 -9.24 -14.95
N TRP B 314 -6.06 -8.61 -16.10
CA TRP B 314 -6.84 -8.70 -17.35
C TRP B 314 -7.17 -10.14 -17.71
N ALA B 315 -6.24 -11.04 -17.41
CA ALA B 315 -6.33 -12.43 -17.85
C ALA B 315 -7.24 -13.32 -17.02
N LEU B 316 -7.56 -12.90 -15.80
CA LEU B 316 -8.23 -13.76 -14.81
C LEU B 316 -9.71 -14.05 -15.14
N LYS B 317 -10.34 -13.22 -15.99
CA LYS B 317 -11.64 -13.54 -16.58
C LYS B 317 -11.61 -14.65 -17.66
N TYR B 318 -10.45 -14.86 -18.29
CA TYR B 318 -10.29 -15.95 -19.27
C TYR B 318 -9.72 -17.15 -18.59
N LYS B 319 -10.03 -18.31 -19.15
CA LYS B 319 -9.41 -19.56 -18.72
C LYS B 319 -7.92 -19.53 -19.14
N GLU B 320 -7.23 -20.61 -18.85
CA GLU B 320 -5.77 -20.65 -19.01
C GLU B 320 -5.49 -20.84 -20.52
N PRO B 321 -4.46 -20.15 -21.08
CA PRO B 321 -4.33 -20.14 -22.52
C PRO B 321 -3.88 -21.39 -23.16
N TRP B 322 -3.62 -22.43 -22.38
CA TRP B 322 -3.33 -23.75 -22.89
C TRP B 322 -4.49 -24.70 -22.70
N GLU B 323 -5.65 -24.23 -22.22
CA GLU B 323 -6.78 -25.17 -21.95
C GLU B 323 -7.65 -25.51 -23.20
N ASP B 324 -7.92 -26.82 -23.34
CA ASP B 324 -8.41 -27.44 -24.58
C ASP B 324 -9.92 -27.69 -24.51
N ALA C 3 26.61 31.70 -17.53
CA ALA C 3 27.87 32.26 -16.94
C ALA C 3 27.69 33.70 -16.39
N MET C 4 26.70 34.46 -16.89
CA MET C 4 26.27 35.76 -16.31
C MET C 4 25.07 35.55 -15.38
N ILE C 5 25.34 35.19 -14.13
CA ILE C 5 24.34 34.76 -13.17
C ILE C 5 24.11 35.97 -12.28
N VAL C 6 22.85 36.31 -12.07
CA VAL C 6 22.52 37.52 -11.31
C VAL C 6 22.66 37.31 -9.80
N LYS C 7 23.09 38.36 -9.10
CA LYS C 7 23.44 38.25 -7.70
C LYS C 7 22.38 37.53 -6.86
N GLU C 8 21.11 37.67 -7.23
CA GLU C 8 20.01 37.14 -6.42
C GLU C 8 20.09 35.62 -6.31
N VAL C 9 20.50 34.99 -7.41
CA VAL C 9 20.74 33.57 -7.46
C VAL C 9 21.81 33.23 -6.45
N TYR C 10 22.96 33.92 -6.49
CA TYR C 10 24.05 33.74 -5.50
C TYR C 10 23.61 34.06 -4.08
N GLU C 11 22.78 35.06 -3.88
CA GLU C 11 22.32 35.41 -2.54
C GLU C 11 21.35 34.35 -1.99
N THR C 12 20.43 33.88 -2.81
CA THR C 12 19.52 32.79 -2.40
C THR C 12 20.31 31.53 -2.01
N ALA C 13 21.27 31.16 -2.84
CA ALA C 13 22.07 29.98 -2.59
C ALA C 13 22.80 30.07 -1.25
N GLU C 14 23.38 31.23 -0.97
CA GLU C 14 24.14 31.39 0.25
C GLU C 14 23.24 31.38 1.44
N LYS C 15 22.00 31.85 1.26
CA LYS C 15 21.01 31.88 2.34
C LYS C 15 20.29 30.56 2.60
N ILE C 16 20.31 29.65 1.63
CA ILE C 16 19.81 28.32 1.81
C ILE C 16 20.87 27.52 2.57
N LYS C 17 22.14 27.72 2.21
CA LYS C 17 23.29 27.08 2.86
C LYS C 17 23.44 27.39 4.34
N SER C 18 23.31 28.66 4.68
CA SER C 18 23.40 29.08 6.08
C SER C 18 22.10 28.83 6.90
N MET C 19 21.05 28.35 6.22
CA MET C 19 19.70 28.12 6.81
C MET C 19 19.01 29.37 7.34
N GLU C 20 19.42 30.52 6.83
CA GLU C 20 18.67 31.75 6.99
C GLU C 20 17.31 31.62 6.23
N ILE C 21 17.35 30.99 5.06
CA ILE C 21 16.11 30.50 4.42
C ILE C 21 16.10 29.00 4.68
N ARG C 22 15.03 28.49 5.26
CA ARG C 22 14.97 27.07 5.68
C ARG C 22 13.53 26.60 5.71
N GLY C 23 13.31 25.31 5.96
CA GLY C 23 12.00 24.68 5.86
C GLY C 23 11.97 24.18 4.45
N ALA C 24 11.63 22.92 4.25
CA ALA C 24 11.69 22.30 2.92
C ALA C 24 10.88 23.04 1.81
N GLY C 25 9.63 23.42 2.11
CA GLY C 25 8.77 24.17 1.20
C GLY C 25 9.31 25.56 0.86
N ARG C 26 9.72 26.29 1.87
CA ARG C 26 10.25 27.62 1.66
C ARG C 26 11.50 27.67 0.73
N ILE C 27 12.45 26.74 0.91
CA ILE C 27 13.68 26.74 0.14
C ILE C 27 13.37 26.42 -1.31
N ALA C 28 12.32 25.64 -1.51
CA ALA C 28 11.88 25.28 -2.83
C ALA C 28 11.29 26.50 -3.55
N ARG C 29 10.53 27.28 -2.79
CA ARG C 29 9.93 28.47 -3.34
C ARG C 29 11.04 29.47 -3.60
N ALA C 30 12.04 29.53 -2.71
CA ALA C 30 13.16 30.44 -2.90
C ALA C 30 14.00 30.12 -4.15
N ALA C 31 14.23 28.85 -4.46
CA ALA C 31 14.93 28.48 -5.68
C ALA C 31 14.13 28.83 -6.95
N ALA C 32 12.81 28.65 -6.90
CA ALA C 32 11.95 29.01 -8.00
C ALA C 32 11.96 30.54 -8.22
N GLN C 33 11.81 31.30 -7.14
CA GLN C 33 11.94 32.76 -7.13
C GLN C 33 13.25 33.24 -7.80
N ALA C 34 14.38 32.66 -7.41
CA ALA C 34 15.70 32.91 -8.00
C ALA C 34 15.77 32.59 -9.48
N LEU C 35 15.24 31.47 -9.93
CA LEU C 35 15.18 31.21 -11.34
C LEU C 35 14.39 32.31 -12.07
N MET C 36 13.23 32.66 -11.53
CA MET C 36 12.38 33.73 -12.03
C MET C 36 13.15 35.06 -12.19
N ILE C 37 13.88 35.47 -11.15
CA ILE C 37 14.68 36.69 -11.20
C ILE C 37 15.87 36.60 -12.20
N GLN C 38 16.54 35.45 -12.28
CA GLN C 38 17.56 35.26 -13.32
C GLN C 38 17.02 35.53 -14.75
N ALA C 39 15.77 35.14 -15.02
CA ALA C 39 15.12 35.39 -16.29
C ALA C 39 14.74 36.87 -16.44
N GLU C 40 14.17 37.46 -15.39
CA GLU C 40 13.70 38.85 -15.39
C GLU C 40 14.84 39.82 -15.65
N LYS C 41 15.94 39.67 -14.90
CA LYS C 41 17.13 40.52 -15.01
C LYS C 41 18.19 40.13 -16.07
N SER C 42 17.94 39.08 -16.85
CA SER C 42 18.94 38.58 -17.80
C SER C 42 19.21 39.63 -18.90
N LYS C 43 20.49 39.86 -19.18
CA LYS C 43 20.88 40.73 -20.26
C LYS C 43 21.20 39.88 -21.50
N ALA C 44 20.50 38.75 -21.65
CA ALA C 44 20.81 37.76 -22.68
C ALA C 44 20.03 38.08 -23.96
N LYS C 45 20.75 38.01 -25.07
CA LYS C 45 20.26 38.47 -26.36
C LYS C 45 19.85 37.27 -27.25
N GLU C 46 20.15 36.04 -26.84
CA GLU C 46 19.88 34.83 -27.62
C GLU C 46 19.08 33.82 -26.75
N PRO C 47 18.26 32.93 -27.36
CA PRO C 47 17.62 31.86 -26.57
C PRO C 47 18.58 30.84 -25.95
N GLU C 48 19.73 30.60 -26.59
CA GLU C 48 20.73 29.66 -26.10
C GLU C 48 21.52 30.25 -24.94
N GLU C 49 21.56 31.57 -24.88
CA GLU C 49 22.32 32.27 -23.89
C GLU C 49 21.57 32.30 -22.59
N LEU C 50 20.23 32.43 -22.68
CA LEU C 50 19.36 32.38 -21.48
C LEU C 50 19.28 30.94 -20.93
N TRP C 51 19.03 29.96 -21.80
CA TRP C 51 19.05 28.53 -21.48
C TRP C 51 20.26 28.19 -20.64
N ASN C 52 21.42 28.70 -21.04
CA ASN C 52 22.68 28.36 -20.38
C ASN C 52 22.80 29.01 -19.00
N GLU C 53 22.29 30.23 -18.85
CA GLU C 53 22.22 30.88 -17.55
C GLU C 53 21.32 30.11 -16.56
N LEU C 54 20.21 29.55 -17.03
CA LEU C 54 19.24 28.90 -16.17
C LEU C 54 19.68 27.49 -15.73
N LYS C 55 20.35 26.77 -16.63
CA LYS C 55 21.01 25.50 -16.29
C LYS C 55 22.03 25.72 -15.20
N VAL C 56 22.77 26.82 -15.31
CA VAL C 56 23.87 27.12 -14.38
C VAL C 56 23.33 27.62 -13.03
N ALA C 57 22.30 28.45 -13.05
CA ALA C 57 21.61 28.90 -11.83
C ALA C 57 20.98 27.70 -11.09
N SER C 58 20.31 26.83 -11.83
CA SER C 58 19.78 25.59 -11.30
C SER C 58 20.82 24.73 -10.57
N LYS C 59 22.01 24.57 -11.15
CA LYS C 59 23.07 23.78 -10.54
C LYS C 59 23.55 24.49 -9.28
N ILE C 60 23.72 25.80 -9.35
CA ILE C 60 24.11 26.53 -8.16
C ILE C 60 23.09 26.26 -7.04
N LEU C 61 21.81 26.30 -7.39
CA LEU C 61 20.78 26.20 -6.38
C LEU C 61 20.66 24.77 -5.83
N TYR C 62 20.80 23.79 -6.71
CA TYR C 62 20.79 22.40 -6.34
C TYR C 62 21.92 21.98 -5.42
N ASN C 63 23.08 22.62 -5.56
CA ASN C 63 24.26 22.34 -4.70
C ASN C 63 24.30 23.18 -3.39
N THR C 64 23.15 23.34 -2.72
CA THR C 64 23.10 24.09 -1.48
C THR C 64 22.93 23.08 -0.35
N ARG C 65 21.74 22.49 -0.28
CA ARG C 65 21.39 21.55 0.70
C ARG C 65 20.77 20.35 0.00
N PRO C 66 21.28 19.14 0.29
CA PRO C 66 20.91 17.95 -0.48
C PRO C 66 19.68 17.18 -0.01
N THR C 67 19.30 17.28 1.25
CA THR C 67 18.41 16.25 1.79
C THR C 67 16.97 16.46 1.35
N ALA C 68 16.50 17.70 1.40
CA ALA C 68 15.11 18.00 1.01
C ALA C 68 14.88 18.01 -0.52
N VAL C 69 14.13 17.02 -1.02
CA VAL C 69 13.90 16.89 -2.45
C VAL C 69 13.03 18.01 -2.98
N SER C 70 12.26 18.64 -2.10
CA SER C 70 11.46 19.80 -2.44
C SER C 70 12.22 20.76 -3.37
N LEU C 71 13.44 21.12 -2.99
CA LEU C 71 14.28 22.06 -3.77
C LEU C 71 14.51 21.61 -5.25
N PRO C 72 15.03 20.39 -5.48
CA PRO C 72 15.16 19.94 -6.87
C PRO C 72 13.87 19.67 -7.65
N ASN C 73 12.80 19.26 -6.97
CA ASN C 73 11.49 19.16 -7.60
C ASN C 73 10.91 20.55 -8.05
N ALA C 74 11.31 21.63 -7.37
CA ALA C 74 10.96 22.97 -7.77
C ALA C 74 11.73 23.37 -9.05
N LEU C 75 13.05 23.16 -9.01
CA LEU C 75 13.94 23.45 -10.12
C LEU C 75 13.50 22.63 -11.32
N ARG C 76 13.15 21.37 -11.14
CA ARG C 76 12.54 20.55 -12.19
C ARG C 76 11.28 21.14 -12.81
N TYR C 77 10.31 21.47 -11.97
CA TYR C 77 9.03 21.97 -12.43
C TYR C 77 9.26 23.08 -13.48
N VAL C 78 10.08 24.06 -13.09
CA VAL C 78 10.52 25.10 -14.01
C VAL C 78 11.32 24.50 -15.20
N MET C 79 12.45 23.87 -14.95
CA MET C 79 13.37 23.59 -16.03
C MET C 79 12.85 22.61 -17.06
N HIS C 80 11.96 21.69 -16.69
CA HIS C 80 11.32 20.74 -17.65
C HIS C 80 10.58 21.49 -18.77
N ARG C 81 9.97 22.61 -18.33
CA ARG C 81 9.15 23.49 -19.12
C ARG C 81 9.98 24.48 -19.94
N VAL C 82 10.97 25.10 -19.28
CA VAL C 82 12.04 25.86 -19.97
C VAL C 82 12.69 24.98 -21.05
N LYS C 83 13.10 23.80 -20.69
CA LYS C 83 13.71 22.88 -21.65
C LYS C 83 12.79 22.51 -22.87
N ALA C 84 11.50 22.23 -22.66
CA ALA C 84 10.63 21.75 -23.75
C ALA C 84 10.38 22.89 -24.77
N ALA C 85 10.21 24.09 -24.23
CA ALA C 85 10.19 25.30 -24.97
C ALA C 85 11.50 25.44 -25.81
N TYR C 86 12.65 25.40 -25.14
CA TYR C 86 13.93 25.67 -25.82
C TYR C 86 14.16 24.67 -26.93
N LEU C 87 13.89 23.40 -26.66
CA LEU C 87 14.01 22.35 -27.68
C LEU C 87 12.93 22.39 -28.77
N GLY C 88 11.76 22.96 -28.47
CA GLY C 88 10.71 23.14 -29.47
C GLY C 88 10.96 24.29 -30.42
N GLY C 89 12.05 25.04 -30.23
CA GLY C 89 12.45 26.11 -31.12
C GLY C 89 12.12 27.48 -30.58
N ALA C 90 11.67 27.59 -29.35
CA ALA C 90 11.20 28.87 -28.82
C ALA C 90 12.24 29.98 -28.95
N ASP C 91 11.76 31.18 -29.26
CA ASP C 91 12.62 32.38 -29.36
C ASP C 91 13.01 32.88 -27.95
N LEU C 92 13.44 34.12 -27.78
CA LEU C 92 13.93 34.58 -26.50
C LEU C 92 12.81 34.84 -25.50
N GLU C 93 11.93 35.79 -25.78
CA GLU C 93 10.97 36.23 -24.75
C GLU C 93 9.94 35.15 -24.42
N THR C 94 9.71 34.23 -25.35
CA THR C 94 9.02 32.95 -25.09
C THR C 94 9.71 32.04 -24.06
N LEU C 95 11.04 31.94 -24.12
CA LEU C 95 11.80 31.17 -23.12
C LEU C 95 11.85 31.89 -21.77
N ARG C 96 12.15 33.20 -21.78
CA ARG C 96 12.13 34.04 -20.57
C ARG C 96 10.81 33.97 -19.85
N PHE C 97 9.72 33.99 -20.62
CA PHE C 97 8.42 33.95 -20.01
C PHE C 97 8.12 32.53 -19.49
N THR C 98 8.47 31.49 -20.25
CA THR C 98 8.23 30.10 -19.80
C THR C 98 8.87 29.86 -18.42
N ALA C 99 10.05 30.43 -18.20
CA ALA C 99 10.75 30.34 -16.92
C ALA C 99 10.07 31.19 -15.85
N ILE C 100 9.64 32.39 -16.22
CA ILE C 100 8.98 33.29 -15.26
C ILE C 100 7.64 32.71 -14.75
N ASN C 101 6.88 32.13 -15.66
CA ASN C 101 5.53 31.69 -15.39
C ASN C 101 5.46 30.23 -14.85
N SER C 102 6.55 29.49 -15.05
CA SER C 102 6.75 28.24 -14.37
C SER C 102 7.11 28.51 -12.91
N ALA C 103 7.97 29.49 -12.63
CA ALA C 103 8.26 29.80 -11.21
C ALA C 103 6.99 30.20 -10.51
N LYS C 104 6.44 31.35 -10.86
CA LYS C 104 5.09 31.76 -10.44
C LYS C 104 4.11 30.61 -10.17
N GLU C 105 3.91 29.71 -11.14
CA GLU C 105 3.02 28.52 -10.99
C GLU C 105 3.40 27.63 -9.77
N PHE C 106 4.67 27.21 -9.71
CA PHE C 106 5.14 26.40 -8.61
C PHE C 106 4.95 27.14 -7.29
N ILE C 107 5.36 28.40 -7.24
CA ILE C 107 5.29 29.21 -6.01
C ILE C 107 3.86 29.37 -5.51
N TYR C 108 2.91 29.58 -6.43
CA TYR C 108 1.48 29.70 -6.09
C TYR C 108 0.91 28.33 -5.71
N ASN C 109 1.22 27.30 -6.46
CA ASN C 109 0.83 25.93 -6.11
C ASN C 109 1.38 25.39 -4.76
N SER C 110 2.58 25.80 -4.38
CA SER C 110 3.11 25.50 -3.06
C SER C 110 2.20 26.13 -1.97
N GLU C 111 1.88 27.42 -2.09
CA GLU C 111 0.99 28.10 -1.16
C GLU C 111 -0.41 27.49 -1.03
N LYS C 112 -1.00 27.10 -2.15
CA LYS C 112 -2.31 26.46 -2.17
C LYS C 112 -2.29 25.07 -1.59
N ALA C 113 -1.18 24.35 -1.83
CA ALA C 113 -1.03 23.01 -1.35
C ALA C 113 -0.99 23.01 0.19
N ILE C 114 -0.29 23.98 0.75
CA ILE C 114 -0.06 24.08 2.17
C ILE C 114 -1.29 24.47 2.99
N GLU C 115 -2.14 25.31 2.42
CA GLU C 115 -3.40 25.68 3.06
C GLU C 115 -4.41 24.55 2.86
N ARG C 116 -4.35 23.80 1.77
CA ARG C 116 -5.21 22.63 1.57
C ARG C 116 -4.87 21.43 2.53
N ILE C 117 -3.58 21.24 2.79
CA ILE C 117 -3.12 20.33 3.82
C ILE C 117 -3.67 20.76 5.20
N GLY C 118 -3.68 22.06 5.48
CA GLY C 118 -4.36 22.61 6.64
C GLY C 118 -5.77 22.11 6.85
N GLU C 119 -6.54 22.16 5.78
CA GLU C 119 -7.96 21.89 5.81
C GLU C 119 -8.24 20.43 5.99
N ILE C 120 -7.51 19.62 5.21
CA ILE C 120 -7.59 18.16 5.27
C ILE C 120 -7.08 17.64 6.61
N GLY C 121 -5.89 18.06 7.00
CA GLY C 121 -5.31 17.65 8.28
C GLY C 121 -6.12 18.03 9.52
N ALA C 122 -6.64 19.25 9.54
CA ALA C 122 -7.45 19.71 10.65
C ALA C 122 -8.64 18.80 10.91
N LYS C 123 -9.15 18.10 9.90
CA LYS C 123 -10.28 17.20 10.14
C LYS C 123 -9.97 15.97 11.05
N ARG C 124 -8.68 15.65 11.18
CA ARG C 124 -8.24 14.58 12.05
C ARG C 124 -7.85 15.06 13.41
N ILE C 125 -7.95 16.36 13.69
CA ILE C 125 -7.72 16.90 15.03
C ILE C 125 -9.08 17.02 15.64
N GLU C 126 -9.20 16.61 16.90
CA GLU C 126 -10.49 16.57 17.62
C GLU C 126 -10.47 17.57 18.75
N ASP C 127 -11.63 18.11 19.10
CA ASP C 127 -11.70 19.09 20.20
C ASP C 127 -11.03 18.49 21.45
N GLY C 128 -10.21 19.30 22.10
CA GLY C 128 -9.53 18.86 23.31
C GLY C 128 -8.15 18.26 23.08
N ASP C 129 -7.84 17.92 21.83
CA ASP C 129 -6.60 17.24 21.50
C ASP C 129 -5.36 18.00 22.01
N ILE C 130 -4.42 17.19 22.50
CA ILE C 130 -3.04 17.62 22.76
C ILE C 130 -2.19 17.03 21.66
N ILE C 131 -1.44 17.90 20.99
CA ILE C 131 -0.71 17.50 19.80
C ILE C 131 0.72 17.79 20.08
N MET C 132 1.57 16.80 19.84
CA MET C 132 3.02 17.01 19.86
C MET C 132 3.53 17.24 18.44
N THR C 133 4.54 18.11 18.30
CA THR C 133 5.18 18.36 17.02
C THR C 133 6.73 18.44 17.22
N HIS C 134 7.41 18.74 16.13
CA HIS C 134 8.85 18.70 16.13
C HIS C 134 9.29 19.65 15.03
N CYS C 135 10.43 20.26 15.23
CA CYS C 135 10.93 21.31 14.38
C CYS C 135 9.85 22.40 14.12
N HIS C 136 9.99 23.04 12.96
CA HIS C 136 9.08 24.05 12.49
C HIS C 136 8.69 23.72 11.10
N SER C 137 7.52 23.09 10.94
CA SER C 137 7.01 22.74 9.63
C SER C 137 5.75 23.53 9.40
N LYS C 138 5.77 24.26 8.29
CA LYS C 138 4.65 25.05 7.79
C LYS C 138 3.46 24.18 7.50
N ALA C 139 3.69 23.02 6.95
CA ALA C 139 2.59 22.12 6.64
C ALA C 139 1.97 21.62 7.94
N ALA C 140 2.79 21.09 8.86
CA ALA C 140 2.29 20.72 10.19
C ALA C 140 1.53 21.89 10.88
N ILE C 141 2.07 23.10 10.78
CA ILE C 141 1.49 24.28 11.46
C ILE C 141 0.14 24.70 10.86
N SER C 142 -0.02 24.50 9.56
CA SER C 142 -1.24 24.84 8.84
C SER C 142 -2.37 24.03 9.39
N VAL C 143 -2.09 22.75 9.58
CA VAL C 143 -3.00 21.76 10.21
C VAL C 143 -3.45 22.23 11.59
N MET C 144 -2.49 22.52 12.42
CA MET C 144 -2.78 22.87 13.80
C MET C 144 -3.54 24.18 13.86
N LYS C 145 -3.12 25.16 13.06
CA LYS C 145 -3.74 26.48 13.04
C LYS C 145 -5.21 26.49 12.49
N LYS C 146 -5.45 25.70 11.46
CA LYS C 146 -6.77 25.51 10.94
C LYS C 146 -7.66 24.87 11.95
N ALA C 147 -7.20 23.82 12.63
CA ALA C 147 -8.02 23.18 13.64
C ALA C 147 -8.34 24.17 14.77
N PHE C 148 -7.41 25.00 15.20
CA PHE C 148 -7.71 26.03 16.21
C PHE C 148 -8.76 27.06 15.72
N GLU C 149 -8.73 27.36 14.43
CA GLU C 149 -9.70 28.24 13.79
C GLU C 149 -11.05 27.59 13.63
N GLN C 150 -11.14 26.28 13.65
CA GLN C 150 -12.45 25.61 13.74
C GLN C 150 -13.06 25.63 15.15
N GLY C 151 -12.38 26.26 16.11
CA GLY C 151 -12.88 26.38 17.48
C GLY C 151 -12.58 25.16 18.32
N LYS C 152 -11.66 24.31 17.89
CA LYS C 152 -11.27 23.15 18.68
C LYS C 152 -10.26 23.63 19.72
N ASN C 153 -10.47 23.28 20.98
CA ASN C 153 -9.51 23.68 22.04
C ASN C 153 -8.42 22.62 21.99
N ILE C 154 -7.25 23.06 21.56
CA ILE C 154 -6.08 22.20 21.46
C ILE C 154 -4.97 22.82 22.26
N LYS C 155 -3.95 22.03 22.53
CA LYS C 155 -2.68 22.50 23.06
C LYS C 155 -1.61 21.82 22.24
N VAL C 156 -0.51 22.51 21.97
CA VAL C 156 0.55 21.90 21.23
C VAL C 156 1.77 21.76 22.12
N ILE C 157 2.33 20.55 22.14
CA ILE C 157 3.66 20.31 22.69
C ILE C 157 4.70 20.49 21.57
N VAL C 158 5.56 21.44 21.82
CA VAL C 158 6.61 21.83 20.90
C VAL C 158 7.92 21.37 21.51
N THR C 159 8.54 20.41 20.83
CA THR C 159 9.90 20.02 21.17
C THR C 159 10.88 21.08 20.65
N GLU C 160 11.85 21.43 21.47
CA GLU C 160 12.75 22.54 21.14
C GLU C 160 13.58 22.38 19.84
N THR C 161 13.86 21.12 19.50
CA THR C 161 14.49 20.77 18.26
C THR C 161 15.92 21.26 18.15
N ARG C 162 16.78 20.64 18.93
CA ARG C 162 18.19 20.90 18.83
C ARG C 162 18.74 20.37 17.49
N PRO C 163 19.87 20.88 17.02
CA PRO C 163 20.69 21.92 17.66
C PRO C 163 20.29 23.38 17.36
N LYS C 164 19.58 23.60 16.25
CA LYS C 164 19.28 24.93 15.74
C LYS C 164 18.03 25.60 16.31
N TRP C 165 17.38 24.95 17.27
CA TRP C 165 16.34 25.56 18.08
C TRP C 165 15.13 25.96 17.29
N GLN C 166 14.73 25.16 16.31
CA GLN C 166 13.58 25.55 15.46
C GLN C 166 12.30 25.60 16.24
N GLY C 167 12.24 24.80 17.30
CA GLY C 167 11.08 24.75 18.18
C GLY C 167 10.74 26.07 18.80
N LYS C 168 11.73 26.94 18.94
CA LYS C 168 11.42 28.30 19.38
C LYS C 168 10.58 29.08 18.34
N ILE C 169 10.81 28.82 17.06
CA ILE C 169 10.06 29.51 15.98
C ILE C 169 8.63 29.04 16.04
N THR C 170 8.46 27.73 16.22
CA THR C 170 7.14 27.10 16.23
C THR C 170 6.30 27.55 17.40
N ALA C 171 6.95 27.75 18.55
CA ALA C 171 6.27 28.05 19.79
C ALA C 171 5.72 29.45 19.78
N LYS C 172 6.57 30.38 19.34
CA LYS C 172 6.18 31.78 19.16
C LYS C 172 5.17 31.90 18.04
N GLU C 173 5.34 31.15 16.95
CA GLU C 173 4.34 31.21 15.90
C GLU C 173 2.98 30.78 16.45
N LEU C 174 2.82 29.51 16.83
CA LEU C 174 1.53 29.00 17.38
C LEU C 174 0.93 29.85 18.51
N ALA C 175 1.77 30.35 19.40
CA ALA C 175 1.29 31.23 20.47
C ALA C 175 0.75 32.54 19.90
N SER C 176 1.39 33.07 18.87
CA SER C 176 0.89 34.29 18.20
C SER C 176 -0.51 34.11 17.62
N TYR C 177 -0.93 32.89 17.26
CA TYR C 177 -2.32 32.63 16.83
C TYR C 177 -3.27 32.37 17.96
N GLY C 178 -2.81 32.48 19.21
CA GLY C 178 -3.65 32.15 20.37
C GLY C 178 -3.80 30.67 20.74
N ILE C 179 -2.93 29.80 20.18
CA ILE C 179 -2.88 28.37 20.58
C ILE C 179 -1.95 28.22 21.78
N PRO C 180 -2.46 27.69 22.90
CA PRO C 180 -1.53 27.45 24.02
C PRO C 180 -0.53 26.34 23.66
N VAL C 181 0.73 26.55 24.05
CA VAL C 181 1.90 25.74 23.73
C VAL C 181 2.51 25.23 25.05
N ILE C 182 3.02 24.01 25.01
CA ILE C 182 3.87 23.45 26.04
C ILE C 182 5.21 23.24 25.38
N TYR C 183 6.25 23.89 25.88
CA TYR C 183 7.61 23.77 25.33
C TYR C 183 8.48 22.86 26.20
N ILE C 184 9.14 21.89 25.56
CA ILE C 184 9.91 20.86 26.21
C ILE C 184 11.20 20.58 25.45
N VAL C 185 12.21 20.02 26.14
CA VAL C 185 13.43 19.53 25.46
C VAL C 185 13.08 18.26 24.67
N ASP C 186 13.87 17.91 23.64
CA ASP C 186 13.56 16.74 22.80
C ASP C 186 13.51 15.44 23.59
N SER C 187 14.44 15.30 24.54
CA SER C 187 14.57 14.14 25.45
C SER C 187 13.27 13.83 26.18
N ALA C 188 12.42 14.85 26.36
CA ALA C 188 11.17 14.68 27.10
C ALA C 188 9.98 14.12 26.33
N ALA C 189 10.19 13.74 25.09
CA ALA C 189 9.10 13.31 24.22
C ALA C 189 8.44 12.01 24.67
N ARG C 190 9.22 11.03 25.14
CA ARG C 190 8.57 9.85 25.74
C ARG C 190 7.79 10.17 26.99
N HIS C 191 8.40 10.89 27.92
CA HIS C 191 7.71 11.33 29.12
C HIS C 191 6.31 11.94 28.83
N TYR C 192 6.19 12.73 27.77
CA TYR C 192 4.90 13.40 27.50
C TYR C 192 4.02 12.71 26.47
N MET C 193 4.47 11.58 25.97
CA MET C 193 3.71 10.91 24.98
C MET C 193 2.43 10.36 25.61
N LYS C 194 2.46 10.06 26.89
CA LYS C 194 1.27 9.52 27.60
C LYS C 194 0.09 10.48 27.62
N MET C 195 0.35 11.77 27.66
CA MET C 195 -0.69 12.82 27.64
C MET C 195 -1.00 13.37 26.24
N THR C 196 -0.25 12.94 25.23
CA THR C 196 -0.38 13.36 23.82
C THR C 196 -1.43 12.55 23.11
N ASP C 197 -2.33 13.21 22.37
CA ASP C 197 -3.37 12.52 21.55
C ASP C 197 -2.97 12.32 20.10
N LYS C 198 -2.15 13.22 19.54
CA LYS C 198 -1.83 13.23 18.12
C LYS C 198 -0.45 13.79 17.94
N VAL C 199 0.27 13.27 16.95
CA VAL C 199 1.54 13.84 16.61
C VAL C 199 1.43 14.34 15.17
N VAL C 200 1.89 15.56 14.94
CA VAL C 200 1.85 16.18 13.60
C VAL C 200 3.21 16.80 13.29
N MET C 201 3.84 16.26 12.26
CA MET C 201 5.19 16.68 11.81
C MET C 201 5.22 16.82 10.30
N GLY C 202 6.26 17.49 9.82
CA GLY C 202 6.47 17.78 8.40
C GLY C 202 7.39 16.76 7.79
N ALA C 203 7.90 17.07 6.59
CA ALA C 203 8.81 16.17 5.88
C ALA C 203 9.71 16.97 4.94
N ASN C 204 10.97 16.55 4.86
CA ASN C 204 11.91 17.04 3.84
C ASN C 204 11.90 16.17 2.58
N SER C 205 11.72 14.86 2.73
CA SER C 205 11.67 13.97 1.58
C SER C 205 10.92 12.74 1.98
N ILE C 206 10.18 12.14 1.06
CA ILE C 206 9.41 10.93 1.32
C ILE C 206 9.72 9.98 0.19
N THR C 207 10.03 8.75 0.53
CA THR C 207 10.58 7.80 -0.40
C THR C 207 9.47 6.94 -0.98
N ALA C 208 9.86 6.15 -1.98
CA ALA C 208 8.98 5.24 -2.66
C ALA C 208 8.29 4.20 -1.77
N ASN C 209 8.95 3.81 -0.68
CA ASN C 209 8.35 2.80 0.22
C ASN C 209 7.69 3.41 1.46
N GLY C 210 7.68 4.71 1.57
CA GLY C 210 6.87 5.35 2.63
C GLY C 210 7.67 6.02 3.74
N ALA C 211 8.97 5.85 3.73
CA ALA C 211 9.79 6.39 4.77
C ALA C 211 9.85 7.91 4.65
N VAL C 212 10.06 8.57 5.77
CA VAL C 212 9.96 10.01 5.85
C VAL C 212 11.26 10.54 6.40
N ILE C 213 11.97 11.33 5.60
CA ILE C 213 13.18 11.97 6.03
C ILE C 213 12.78 13.35 6.54
N ASN C 214 13.00 13.61 7.82
CA ASN C 214 12.63 14.89 8.41
C ASN C 214 13.62 15.22 9.54
N LYS C 215 13.53 16.39 10.13
CA LYS C 215 14.47 16.83 11.17
C LYS C 215 14.90 15.70 12.10
N ILE C 216 16.21 15.65 12.37
CA ILE C 216 16.81 14.79 13.41
C ILE C 216 15.91 14.81 14.66
N GLY C 217 15.50 13.61 15.04
CA GLY C 217 14.59 13.43 16.17
C GLY C 217 13.25 12.84 15.85
N THR C 218 12.85 13.02 14.60
CA THR C 218 11.52 12.73 14.15
C THR C 218 11.28 11.29 14.34
N SER C 219 12.26 10.46 14.03
CA SER C 219 12.07 9.01 14.16
C SER C 219 11.92 8.49 15.62
N LEU C 220 12.51 9.20 16.58
CA LEU C 220 12.35 8.85 17.98
C LEU C 220 10.95 9.14 18.47
N ILE C 221 10.49 10.38 18.18
CA ILE C 221 9.12 10.78 18.48
C ILE C 221 8.15 9.80 17.82
N ALA C 222 8.40 9.43 16.55
CA ALA C 222 7.52 8.47 15.87
C ALA C 222 7.50 7.08 16.54
N LEU C 223 8.67 6.60 16.97
CA LEU C 223 8.79 5.28 17.63
C LEU C 223 8.00 5.18 18.96
N THR C 224 8.15 6.19 19.81
CA THR C 224 7.47 6.19 21.10
C THR C 224 5.97 6.50 20.94
N ALA C 225 5.63 7.32 19.95
CA ALA C 225 4.23 7.46 19.48
C ALA C 225 3.64 6.12 19.05
N LYS C 226 4.35 5.36 18.25
CA LYS C 226 3.87 4.01 17.94
C LYS C 226 3.66 3.14 19.17
N GLU C 227 4.67 3.15 20.04
CA GLU C 227 4.65 2.42 21.31
C GLU C 227 3.39 2.69 22.12
N HIS C 228 2.90 3.91 22.07
CA HIS C 228 1.78 4.37 22.86
C HIS C 228 0.49 4.44 22.04
N ARG C 229 0.51 3.97 20.80
CA ARG C 229 -0.65 4.05 19.88
C ARG C 229 -1.19 5.47 19.72
N VAL C 230 -0.33 6.46 19.58
CA VAL C 230 -0.67 7.83 19.23
C VAL C 230 -0.48 7.97 17.73
N TRP C 231 -1.49 8.46 17.06
CA TRP C 231 -1.42 8.70 15.61
C TRP C 231 -0.27 9.60 15.26
N VAL C 232 0.57 9.12 14.33
CA VAL C 232 1.63 9.98 13.76
C VAL C 232 1.18 10.38 12.38
N MET C 233 1.01 11.67 12.19
CA MET C 233 0.52 12.24 10.95
C MET C 233 1.58 13.14 10.39
N ILE C 234 1.92 12.89 9.12
CA ILE C 234 2.91 13.67 8.39
C ILE C 234 2.22 14.58 7.34
N ALA C 235 2.44 15.87 7.47
CA ALA C 235 1.82 16.85 6.61
C ALA C 235 2.81 17.25 5.52
N ALA C 236 2.54 16.84 4.28
CA ALA C 236 3.56 17.04 3.23
C ALA C 236 3.01 17.24 1.83
N GLU C 237 3.45 18.31 1.21
CA GLU C 237 3.14 18.57 -0.20
C GLU C 237 3.65 17.42 -1.08
N THR C 238 2.97 17.15 -2.21
CA THR C 238 3.43 16.18 -3.18
C THR C 238 4.89 16.37 -3.70
N TYR C 239 5.40 17.59 -3.69
CA TYR C 239 6.78 17.81 -4.11
C TYR C 239 7.86 17.48 -3.04
N LYS C 240 7.44 16.93 -1.89
CA LYS C 240 8.35 16.34 -0.90
C LYS C 240 8.65 14.86 -1.21
N PHE C 241 7.89 14.26 -2.11
CA PHE C 241 8.07 12.90 -2.52
C PHE C 241 9.28 12.79 -3.50
N HIS C 242 10.13 11.78 -3.33
CA HIS C 242 11.52 11.75 -3.86
C HIS C 242 11.59 10.79 -5.08
N PRO C 243 11.61 11.36 -6.30
CA PRO C 243 11.44 10.46 -7.45
C PRO C 243 12.59 9.48 -7.65
N ALA C 244 13.82 9.89 -7.39
CA ALA C 244 14.97 9.01 -7.61
C ALA C 244 14.87 7.70 -6.76
N THR C 245 14.15 7.72 -5.62
CA THR C 245 14.00 6.52 -4.75
C THR C 245 13.21 5.39 -5.40
N MET C 246 12.44 5.76 -6.43
CA MET C 246 11.73 4.76 -7.26
C MET C 246 12.70 3.81 -7.94
N LEU C 247 13.91 4.29 -8.26
CA LEU C 247 14.94 3.46 -8.94
C LEU C 247 16.12 3.10 -8.02
N GLY C 248 15.85 3.13 -6.71
CA GLY C 248 16.70 2.58 -5.70
C GLY C 248 17.56 3.61 -4.99
N GLN C 249 17.59 4.86 -5.44
CA GLN C 249 18.45 5.86 -4.82
C GLN C 249 18.13 5.95 -3.33
N LEU C 250 19.16 6.08 -2.50
CA LEU C 250 19.00 6.49 -1.09
C LEU C 250 19.20 7.97 -0.97
N VAL C 251 18.54 8.57 0.00
CA VAL C 251 18.61 9.99 0.26
C VAL C 251 19.81 10.25 1.14
N GLU C 252 20.59 11.24 0.75
CA GLU C 252 21.71 11.74 1.52
C GLU C 252 21.24 12.52 2.72
N ILE C 253 21.87 12.26 3.85
CA ILE C 253 21.60 12.94 5.09
C ILE C 253 22.62 14.06 5.28
N GLU C 254 22.15 15.30 5.23
CA GLU C 254 23.03 16.40 5.34
C GLU C 254 23.67 16.35 6.73
N MET C 255 25.01 16.35 6.74
CA MET C 255 25.83 16.60 7.93
C MET C 255 26.25 18.08 7.92
N ARG C 256 25.86 18.82 8.96
CA ARG C 256 26.10 20.25 9.05
C ARG C 256 27.15 20.55 10.08
N ASP C 257 27.62 21.80 10.02
CA ASP C 257 28.73 22.29 10.83
C ASP C 257 28.63 21.89 12.33
N PRO C 258 29.69 21.31 12.93
CA PRO C 258 29.66 20.99 14.39
C PRO C 258 29.50 22.19 15.32
N THR C 259 29.81 23.37 14.81
CA THR C 259 29.61 24.59 15.57
C THR C 259 28.17 24.96 15.83
N GLU C 260 27.23 24.36 15.10
CA GLU C 260 25.78 24.55 15.43
C GLU C 260 25.44 23.81 16.72
N VAL C 261 26.20 22.74 17.03
CA VAL C 261 26.06 22.01 18.28
C VAL C 261 26.90 22.68 19.38
N ILE C 262 28.21 22.68 19.25
CA ILE C 262 29.07 23.40 20.20
C ILE C 262 29.52 24.71 19.54
N PRO C 263 29.15 25.88 20.10
CA PRO C 263 29.68 27.17 19.54
C PRO C 263 31.21 27.18 19.33
N GLU C 264 31.68 27.80 18.26
CA GLU C 264 33.11 27.92 17.92
C GLU C 264 34.01 28.37 19.09
N GLU C 265 33.57 29.37 19.84
CA GLU C 265 34.35 29.84 20.99
C GLU C 265 34.69 28.70 21.96
N GLU C 266 33.74 27.81 22.23
CA GLU C 266 33.90 26.68 23.18
C GLU C 266 34.51 25.43 22.52
N LEU C 267 34.08 25.10 21.30
CA LEU C 267 34.59 23.93 20.62
C LEU C 267 36.08 23.96 20.46
N ARG C 268 36.67 25.12 20.16
CA ARG C 268 38.12 25.21 19.93
C ARG C 268 38.96 24.81 21.15
N THR C 269 38.41 24.98 22.36
CA THR C 269 39.07 24.55 23.60
C THR C 269 39.00 23.04 23.86
N TRP C 270 38.15 22.31 23.14
CA TRP C 270 37.96 20.88 23.42
C TRP C 270 39.02 20.08 22.72
N PRO C 271 39.34 18.89 23.26
CA PRO C 271 40.39 18.04 22.67
C PRO C 271 39.99 17.43 21.35
N LYS C 272 40.95 16.94 20.58
CA LYS C 272 40.68 16.49 19.22
C LYS C 272 39.99 15.16 19.28
N ASN C 273 40.22 14.38 20.34
CA ASN C 273 39.63 13.04 20.39
C ASN C 273 38.12 13.03 20.72
N ILE C 274 37.45 14.19 20.76
CA ILE C 274 35.99 14.30 20.73
C ILE C 274 35.56 14.72 19.33
N GLU C 275 34.87 13.85 18.59
CA GLU C 275 34.27 14.20 17.28
C GLU C 275 32.83 14.61 17.56
N VAL C 276 32.40 15.75 17.01
CA VAL C 276 31.02 16.22 17.10
C VAL C 276 30.31 15.99 15.75
N TRP C 277 29.23 15.20 15.78
CA TRP C 277 28.53 14.76 14.57
C TRP C 277 27.19 15.38 14.61
N ASN C 278 26.89 16.21 13.60
CA ASN C 278 25.60 16.94 13.52
C ASN C 278 24.71 16.58 12.31
N PRO C 279 23.97 15.45 12.38
CA PRO C 279 23.07 15.08 11.29
C PRO C 279 21.80 15.91 11.32
N ALA C 280 21.43 16.51 10.19
CA ALA C 280 20.29 17.40 10.15
C ALA C 280 18.97 16.64 10.06
N PHE C 281 18.99 15.38 9.64
CA PHE C 281 17.75 14.61 9.47
C PHE C 281 17.95 13.17 9.93
N ASP C 282 16.85 12.49 10.22
CA ASP C 282 16.84 11.07 10.34
C ASP C 282 15.69 10.51 9.47
N VAL C 283 15.59 9.18 9.45
CA VAL C 283 14.66 8.50 8.59
C VAL C 283 13.68 7.70 9.43
N THR C 284 12.38 7.91 9.23
CA THR C 284 11.33 7.25 9.98
C THR C 284 10.70 6.20 9.08
N PRO C 285 10.57 4.97 9.60
CA PRO C 285 10.03 3.97 8.73
C PRO C 285 8.52 4.13 8.60
N PRO C 286 7.95 3.59 7.49
CA PRO C 286 6.57 3.74 7.20
C PRO C 286 5.69 3.10 8.24
N GLU C 287 6.11 1.97 8.80
CA GLU C 287 5.30 1.30 9.84
C GLU C 287 4.98 2.16 11.07
N TYR C 288 5.72 3.24 11.32
CA TYR C 288 5.46 4.13 12.40
C TYR C 288 4.69 5.39 11.95
N ILE C 289 4.10 5.36 10.76
CA ILE C 289 3.39 6.54 10.23
C ILE C 289 1.99 6.10 9.93
N ASP C 290 1.01 6.81 10.46
CA ASP C 290 -0.39 6.47 10.33
C ASP C 290 -0.89 7.00 8.99
N VAL C 291 -0.66 8.30 8.71
CA VAL C 291 -1.06 8.91 7.43
C VAL C 291 -0.07 9.99 6.98
N ILE C 292 0.08 10.12 5.65
CA ILE C 292 0.65 11.34 5.06
C ILE C 292 -0.56 12.16 4.61
N ILE C 293 -0.56 13.42 4.97
CA ILE C 293 -1.56 14.35 4.53
C ILE C 293 -0.93 15.19 3.42
N THR C 294 -1.33 14.93 2.17
CA THR C 294 -0.93 15.78 1.05
C THR C 294 -2.10 16.66 0.63
N GLU C 295 -1.78 17.65 -0.21
CA GLU C 295 -2.80 18.50 -0.84
C GLU C 295 -3.80 17.75 -1.67
N ARG C 296 -3.56 16.50 -2.03
CA ARG C 296 -4.56 15.68 -2.76
C ARG C 296 -5.29 14.65 -1.93
N GLY C 297 -5.03 14.63 -0.63
CA GLY C 297 -5.64 13.67 0.25
C GLY C 297 -4.73 13.04 1.29
N ILE C 298 -5.40 12.19 2.04
CA ILE C 298 -4.85 11.35 3.06
C ILE C 298 -4.36 10.07 2.39
N ILE C 299 -3.12 9.68 2.65
CA ILE C 299 -2.68 8.32 2.20
C ILE C 299 -2.08 7.51 3.36
N PRO C 300 -2.17 6.17 3.29
CA PRO C 300 -1.26 5.41 4.12
C PRO C 300 0.14 5.67 3.60
N PRO C 301 1.17 5.59 4.46
CA PRO C 301 2.51 5.87 3.95
C PRO C 301 2.98 4.97 2.80
N TYR C 302 2.44 3.76 2.69
CA TYR C 302 2.78 2.86 1.57
C TYR C 302 2.26 3.24 0.15
N ALA C 303 1.38 4.24 0.09
CA ALA C 303 0.86 4.76 -1.16
C ALA C 303 1.75 5.90 -1.63
N ALA C 304 2.89 6.15 -0.98
CA ALA C 304 3.80 7.13 -1.49
C ALA C 304 4.22 6.83 -2.94
N ILE C 305 4.36 5.54 -3.25
CA ILE C 305 4.79 5.05 -4.57
C ILE C 305 3.79 5.48 -5.71
N ASP C 306 2.52 5.65 -5.36
CA ASP C 306 1.44 6.16 -6.24
C ASP C 306 1.57 7.66 -6.48
N ILE C 307 1.74 8.46 -5.44
CA ILE C 307 2.07 9.87 -5.63
C ILE C 307 3.20 9.94 -6.68
N LEU C 308 4.23 9.14 -6.50
CA LEU C 308 5.39 9.14 -7.36
C LEU C 308 5.12 8.58 -8.76
N LYS C 309 4.43 7.45 -8.83
CA LYS C 309 4.16 6.76 -10.11
C LYS C 309 3.39 7.72 -10.98
N GLU C 310 2.41 8.41 -10.37
CA GLU C 310 1.46 9.21 -11.15
C GLU C 310 1.96 10.63 -11.46
N GLU C 311 2.86 11.20 -10.68
CA GLU C 311 3.24 12.60 -10.91
C GLU C 311 4.69 12.86 -11.28
N PHE C 312 5.55 11.84 -11.12
CA PHE C 312 7.02 12.04 -11.26
C PHE C 312 7.78 11.01 -12.09
N GLY C 313 7.31 9.77 -12.10
CA GLY C 313 8.00 8.64 -12.75
C GLY C 313 8.33 8.84 -14.22
N TRP C 314 7.41 9.48 -14.97
CA TRP C 314 7.64 9.88 -16.40
C TRP C 314 9.09 10.48 -16.64
N ALA C 315 9.53 11.35 -15.74
CA ALA C 315 10.78 12.08 -15.87
C ALA C 315 12.07 11.26 -15.63
N LEU C 316 11.97 10.09 -15.02
CA LEU C 316 13.14 9.24 -14.70
C LEU C 316 13.82 8.52 -15.88
N LYS C 317 13.19 8.49 -17.07
CA LYS C 317 13.81 7.95 -18.30
C LYS C 317 14.67 9.00 -19.02
N TYR C 318 14.41 10.28 -18.72
CA TYR C 318 15.26 11.39 -19.15
C TYR C 318 16.24 11.79 -18.04
N LYS C 319 17.23 12.57 -18.47
CA LYS C 319 18.17 13.23 -17.60
C LYS C 319 17.54 14.47 -16.99
N GLU C 320 18.26 15.02 -16.04
CA GLU C 320 17.83 16.19 -15.30
C GLU C 320 17.68 17.32 -16.30
N PRO C 321 16.63 18.16 -16.15
CA PRO C 321 16.38 19.19 -17.16
C PRO C 321 17.40 20.35 -17.23
N TRP C 322 18.25 20.49 -16.24
CA TRP C 322 19.32 21.50 -16.28
C TRP C 322 20.67 20.93 -16.81
N GLU C 323 20.71 19.71 -17.35
CA GLU C 323 22.01 19.09 -17.72
C GLU C 323 22.33 19.18 -19.22
N ASP C 324 23.64 19.06 -19.50
CA ASP C 324 24.23 19.16 -20.83
C ASP C 324 24.22 17.78 -21.47
#